data_8D38
#
_entry.id   8D38
#
_cell.length_a   102.963
_cell.length_b   102.963
_cell.length_c   167.763
_cell.angle_alpha   90.000
_cell.angle_beta   90.000
_cell.angle_gamma   90.000
#
_symmetry.space_group_name_H-M   'P 43 21 2'
#
loop_
_entity.id
_entity.type
_entity.pdbx_description
1 polymer 'Purine nucleoside phosphorylase'
2 non-polymer 'SODIUM ION'
3 water water
#
_entity_poly.entity_id   1
_entity_poly.type   'polypeptide(L)'
_entity_poly.pdbx_seq_one_letter_code
;MHHHHHHSSGLVPRGSGMKETAAAKFERQHMDSPDLGTGSENLYFQGAMMSVHIGAKAGEIAERILLPGDPLRAKYIAET
FLEGAVCYNEVRGMLGFTGTYKGERISVQGTGMGVPSISIYVNELIQSYGVKTLIRVGTCGAIQPDVRVRDVILAMSAST
DSNMNRLIFRGRDYAPTADFHLLRTAYEVGVEKGLALKVGNVFTADMFYNDEPNWETWARYGVLAVEMETAALYTLAAKF
GCRALSVLTVSDHILTGEETTAEERQMTFNEMIEVALEAAIRNGA
;
_entity_poly.pdbx_strand_id   A,B,C
#
# COMPACT_ATOMS: atom_id res chain seq x y z
N ASN A 42 8.68 13.50 -10.99
CA ASN A 42 7.28 13.30 -10.57
C ASN A 42 6.46 12.79 -11.75
N LEU A 43 7.08 12.52 -12.90
CA LEU A 43 6.39 11.86 -13.98
C LEU A 43 6.36 10.39 -13.68
N TYR A 44 5.21 9.74 -13.91
CA TYR A 44 5.03 8.31 -13.71
C TYR A 44 5.06 7.50 -15.01
N PHE A 45 4.72 8.10 -16.15
CA PHE A 45 4.48 7.30 -17.35
C PHE A 45 5.45 7.62 -18.48
N GLN A 46 6.68 7.98 -18.14
CA GLN A 46 7.63 8.41 -19.14
C GLN A 46 8.46 7.27 -19.76
N GLY A 47 8.57 6.12 -19.10
CA GLY A 47 9.40 5.04 -19.63
C GLY A 47 10.76 5.02 -18.98
N ALA A 48 11.32 3.82 -18.71
CA ALA A 48 12.58 3.77 -17.97
C ALA A 48 13.72 4.41 -18.72
N MET A 49 13.69 4.41 -20.07
CA MET A 49 14.82 5.01 -20.81
C MET A 49 14.90 6.52 -20.58
N MET A 50 13.84 7.16 -20.09
CA MET A 50 13.94 8.59 -19.77
C MET A 50 14.44 8.85 -18.35
N SER A 51 14.63 7.81 -17.57
CA SER A 51 15.29 7.83 -16.24
C SER A 51 15.00 9.09 -15.42
N VAL A 52 13.73 9.27 -15.05
CA VAL A 52 13.35 10.48 -14.31
C VAL A 52 13.86 10.55 -12.87
N HIS A 53 14.43 9.48 -12.30
CA HIS A 53 14.98 9.53 -10.93
C HIS A 53 16.48 9.79 -10.89
N ILE A 54 17.14 9.90 -12.05
CA ILE A 54 18.59 10.10 -12.09
C ILE A 54 18.89 11.31 -12.97
N GLY A 55 19.47 12.35 -12.39
CA GLY A 55 19.68 13.59 -13.13
C GLY A 55 20.98 13.65 -13.92
N ALA A 56 21.46 12.52 -14.43
CA ALA A 56 22.76 12.48 -15.09
C ALA A 56 22.60 12.78 -16.57
N LYS A 57 23.55 13.52 -17.13
CA LYS A 57 23.61 13.67 -18.58
C LYS A 57 24.02 12.33 -19.21
N ALA A 58 23.68 12.18 -20.49
CA ALA A 58 24.19 11.05 -21.27
C ALA A 58 25.69 10.88 -21.08
N GLY A 59 26.13 9.64 -20.80
CA GLY A 59 27.53 9.34 -20.63
C GLY A 59 28.13 9.55 -19.27
N GLU A 60 27.44 10.22 -18.34
CA GLU A 60 28.07 10.50 -17.07
C GLU A 60 28.19 9.26 -16.18
N ILE A 61 27.48 8.17 -16.51
CA ILE A 61 27.49 6.92 -15.73
C ILE A 61 28.26 5.84 -16.47
N ALA A 62 29.23 5.24 -15.78
CA ALA A 62 30.08 4.21 -16.34
C ALA A 62 29.30 2.90 -16.56
N GLU A 63 29.84 2.07 -17.47
CA GLU A 63 29.22 0.79 -17.82
C GLU A 63 29.27 -0.19 -16.65
N ARG A 64 30.19 0.05 -15.72
CA ARG A 64 30.41 -0.78 -14.53
C ARG A 64 30.00 0.06 -13.34
N ILE A 65 29.14 -0.48 -12.45
CA ILE A 65 28.66 0.31 -11.33
C ILE A 65 28.57 -0.54 -10.07
N LEU A 66 28.90 0.07 -8.94
CA LEU A 66 28.69 -0.49 -7.60
C LEU A 66 27.40 0.09 -7.02
N LEU A 67 26.62 -0.74 -6.31
CA LEU A 67 25.31 -0.34 -5.80
C LEU A 67 25.20 -0.54 -4.29
N PRO A 68 25.74 0.37 -3.49
CA PRO A 68 25.39 0.37 -2.06
C PRO A 68 23.94 0.85 -1.90
N GLY A 69 23.34 0.51 -0.77
CA GLY A 69 21.97 0.93 -0.58
C GLY A 69 21.87 2.33 -0.05
N ASP A 70 22.87 2.73 0.74
CA ASP A 70 22.91 4.01 1.44
C ASP A 70 23.65 5.02 0.57
N PRO A 71 23.05 6.16 0.22
CA PRO A 71 23.79 7.15 -0.61
C PRO A 71 25.01 7.69 0.08
N LEU A 72 25.00 7.73 1.43
CA LEU A 72 26.20 8.16 2.14
C LEU A 72 27.32 7.15 1.99
N ARG A 73 27.01 5.85 1.84
CA ARG A 73 28.07 4.90 1.51
C ARG A 73 28.56 5.08 0.07
N ALA A 74 27.67 5.45 -0.86
CA ALA A 74 28.13 5.76 -2.21
C ALA A 74 29.17 6.89 -2.16
N LYS A 75 28.91 7.94 -1.37
CA LYS A 75 29.88 9.04 -1.27
C LYS A 75 31.19 8.55 -0.63
N TYR A 76 31.09 7.71 0.42
CA TYR A 76 32.32 7.18 1.03
C TYR A 76 33.11 6.38 0.00
N ILE A 77 32.44 5.51 -0.75
CA ILE A 77 33.16 4.70 -1.72
C ILE A 77 33.83 5.60 -2.75
N ALA A 78 33.10 6.58 -3.26
CA ALA A 78 33.65 7.43 -4.32
C ALA A 78 34.85 8.22 -3.84
N GLU A 79 34.79 8.76 -2.60
CA GLU A 79 35.90 9.55 -2.05
C GLU A 79 37.08 8.69 -1.62
N THR A 80 36.83 7.47 -1.20
CA THR A 80 37.90 6.64 -0.64
C THR A 80 38.61 5.80 -1.67
N PHE A 81 37.91 5.30 -2.69
CA PHE A 81 38.47 4.29 -3.56
C PHE A 81 38.62 4.74 -4.99
N LEU A 82 37.97 5.83 -5.39
CA LEU A 82 37.99 6.24 -6.78
C LEU A 82 38.84 7.50 -6.92
N GLU A 83 39.42 7.66 -8.09
CA GLU A 83 40.17 8.86 -8.42
C GLU A 83 39.27 9.80 -9.21
N GLY A 84 39.35 11.09 -8.90
CA GLY A 84 38.68 12.07 -9.73
C GLY A 84 37.16 11.97 -9.67
N ALA A 85 36.61 11.52 -8.56
CA ALA A 85 35.19 11.23 -8.51
C ALA A 85 34.37 12.51 -8.61
N VAL A 86 33.35 12.51 -9.47
CA VAL A 86 32.39 13.61 -9.49
C VAL A 86 30.98 13.08 -9.28
N CYS A 87 30.15 13.90 -8.64
CA CYS A 87 28.75 13.58 -8.41
C CYS A 87 27.89 13.87 -9.63
N TYR A 88 27.16 12.87 -10.14
CA TYR A 88 26.28 13.07 -11.29
C TYR A 88 24.80 13.11 -10.93
N ASN A 89 24.42 12.78 -9.70
CA ASN A 89 23.00 12.77 -9.36
C ASN A 89 22.80 13.21 -7.92
N GLU A 90 21.84 14.10 -7.72
CA GLU A 90 21.39 14.47 -6.39
C GLU A 90 19.88 14.36 -6.25
N VAL A 91 19.17 13.90 -7.27
CA VAL A 91 17.72 13.71 -7.20
C VAL A 91 17.39 12.82 -6.02
N ARG A 92 16.46 13.29 -5.16
CA ARG A 92 16.00 12.61 -3.94
C ARG A 92 17.10 12.38 -2.93
N GLY A 93 18.21 13.10 -3.06
CA GLY A 93 19.37 12.80 -2.27
C GLY A 93 20.02 11.47 -2.56
N MET A 94 19.59 10.76 -3.60
CA MET A 94 20.15 9.43 -3.89
C MET A 94 21.42 9.57 -4.72
N LEU A 95 22.50 9.93 -4.02
CA LEU A 95 23.75 10.32 -4.67
C LEU A 95 24.32 9.21 -5.57
N GLY A 96 24.86 9.63 -6.72
CA GLY A 96 25.68 8.76 -7.54
C GLY A 96 26.90 9.51 -8.06
N PHE A 97 28.00 8.77 -8.22
CA PHE A 97 29.30 9.33 -8.53
C PHE A 97 29.96 8.53 -9.64
N THR A 98 30.84 9.18 -10.40
CA THR A 98 31.69 8.47 -11.35
C THR A 98 33.14 8.90 -11.17
N GLY A 99 34.02 7.92 -11.23
CA GLY A 99 35.46 8.15 -11.15
C GLY A 99 36.20 7.00 -11.81
N THR A 100 37.47 6.84 -11.43
CA THR A 100 38.30 5.78 -11.99
C THR A 100 38.96 4.96 -10.90
N TYR A 101 39.15 3.67 -11.24
CA TYR A 101 39.83 2.69 -10.41
C TYR A 101 40.76 1.91 -11.31
N LYS A 102 42.05 1.93 -10.98
CA LYS A 102 43.08 1.32 -11.83
C LYS A 102 42.89 1.69 -13.31
N GLY A 103 42.60 2.95 -13.57
CA GLY A 103 42.40 3.43 -14.91
C GLY A 103 41.12 2.99 -15.59
N GLU A 104 40.21 2.34 -14.89
CA GLU A 104 38.93 1.97 -15.50
C GLU A 104 37.84 2.86 -14.93
N ARG A 105 36.92 3.26 -15.79
CA ARG A 105 35.82 4.10 -15.35
C ARG A 105 34.83 3.30 -14.50
N ILE A 106 34.45 3.83 -13.33
CA ILE A 106 33.59 3.12 -12.37
C ILE A 106 32.57 4.10 -11.79
N SER A 107 31.31 3.69 -11.68
CA SER A 107 30.30 4.51 -11.00
C SER A 107 29.84 3.81 -9.72
N VAL A 108 29.27 4.63 -8.82
CA VAL A 108 28.77 4.19 -7.50
C VAL A 108 27.49 4.95 -7.27
N GLN A 109 26.38 4.22 -7.04
CA GLN A 109 25.03 4.77 -7.03
C GLN A 109 24.26 4.19 -5.85
N GLY A 110 23.72 5.05 -5.00
CA GLY A 110 22.81 4.58 -3.94
C GLY A 110 21.49 4.04 -4.50
N THR A 111 20.91 3.03 -3.82
CA THR A 111 19.70 2.38 -4.38
C THR A 111 18.42 2.51 -3.55
N GLY A 112 18.50 2.98 -2.32
CA GLY A 112 17.35 2.88 -1.41
C GLY A 112 17.20 1.44 -0.90
N MET A 113 16.17 1.20 -0.08
CA MET A 113 15.95 -0.09 0.57
C MET A 113 14.74 -0.77 -0.10
N GLY A 114 14.88 -2.06 -0.43
CA GLY A 114 13.77 -2.89 -0.87
C GLY A 114 13.66 -3.02 -2.39
N VAL A 115 12.99 -4.08 -2.82
CA VAL A 115 12.84 -4.45 -4.23
C VAL A 115 12.27 -3.31 -5.07
N PRO A 116 11.23 -2.59 -4.63
CA PRO A 116 10.68 -1.52 -5.51
C PRO A 116 11.64 -0.36 -5.71
N SER A 117 12.46 -0.03 -4.70
CA SER A 117 13.40 1.08 -4.85
C SER A 117 14.56 0.69 -5.78
N ILE A 118 15.16 -0.46 -5.53
CA ILE A 118 16.29 -0.82 -6.39
C ILE A 118 15.80 -1.10 -7.80
N SER A 119 14.58 -1.61 -7.97
CA SER A 119 14.11 -1.87 -9.33
C SER A 119 13.96 -0.57 -10.14
N ILE A 120 13.58 0.52 -9.50
CA ILE A 120 13.54 1.82 -10.22
C ILE A 120 14.93 2.19 -10.73
N TYR A 121 15.93 2.18 -9.83
CA TYR A 121 17.28 2.62 -10.19
C TYR A 121 17.91 1.67 -11.19
N VAL A 122 17.75 0.35 -11.00
CA VAL A 122 18.37 -0.59 -11.93
C VAL A 122 17.75 -0.49 -13.33
N ASN A 123 16.42 -0.38 -13.42
CA ASN A 123 15.79 -0.17 -14.73
C ASN A 123 16.34 1.07 -15.44
N GLU A 124 16.50 2.17 -14.70
CA GLU A 124 16.96 3.42 -15.33
C GLU A 124 18.44 3.32 -15.73
N LEU A 125 19.28 2.77 -14.85
CA LEU A 125 20.71 2.62 -15.17
C LEU A 125 20.90 1.81 -16.42
N ILE A 126 20.18 0.68 -16.53
CA ILE A 126 20.34 -0.22 -17.68
C ILE A 126 19.72 0.40 -18.93
N GLN A 127 18.48 0.82 -18.84
CA GLN A 127 17.76 1.19 -20.08
C GLN A 127 18.09 2.59 -20.55
N SER A 128 18.47 3.48 -19.66
CA SER A 128 18.76 4.86 -20.02
C SER A 128 20.25 5.14 -20.20
N TYR A 129 21.11 4.50 -19.41
CA TYR A 129 22.52 4.85 -19.34
C TYR A 129 23.40 3.73 -19.85
N GLY A 130 22.79 2.63 -20.27
CA GLY A 130 23.58 1.55 -20.85
C GLY A 130 24.52 0.85 -19.90
N VAL A 131 24.20 0.84 -18.60
CA VAL A 131 25.03 0.10 -17.65
C VAL A 131 24.91 -1.39 -17.96
N LYS A 132 26.05 -2.13 -17.88
CA LYS A 132 26.11 -3.53 -18.23
C LYS A 132 26.59 -4.46 -17.09
N THR A 133 27.32 -3.94 -16.10
CA THR A 133 27.87 -4.73 -14.99
C THR A 133 27.49 -4.03 -13.69
N LEU A 134 26.79 -4.74 -12.81
CA LEU A 134 26.18 -4.12 -11.62
C LEU A 134 26.56 -4.98 -10.43
N ILE A 135 27.34 -4.43 -9.51
CA ILE A 135 27.71 -5.19 -8.30
C ILE A 135 27.08 -4.51 -7.09
N ARG A 136 26.16 -5.22 -6.44
CA ARG A 136 25.62 -4.70 -5.19
C ARG A 136 26.61 -4.98 -4.07
N VAL A 137 26.86 -3.98 -3.23
CA VAL A 137 27.70 -4.11 -2.04
C VAL A 137 26.86 -3.73 -0.83
N GLY A 138 26.79 -4.62 0.14
CA GLY A 138 25.81 -4.33 1.16
C GLY A 138 26.02 -5.23 2.36
N THR A 139 25.03 -5.21 3.22
CA THR A 139 25.03 -6.02 4.43
C THR A 139 23.94 -7.09 4.34
N CYS A 140 23.99 -8.01 5.29
CA CYS A 140 22.94 -9.02 5.38
C CYS A 140 22.92 -9.56 6.82
N GLY A 141 21.82 -10.24 7.16
CA GLY A 141 21.65 -10.79 8.54
C GLY A 141 21.72 -12.28 8.39
N ALA A 142 22.74 -12.91 8.99
CA ALA A 142 22.94 -14.35 8.88
C ALA A 142 21.94 -15.19 9.67
N ILE A 143 21.56 -16.32 9.09
CA ILE A 143 20.67 -17.24 9.79
C ILE A 143 21.27 -18.63 9.92
N GLN A 144 22.55 -18.82 9.52
CA GLN A 144 23.16 -20.13 9.59
C GLN A 144 24.18 -20.14 10.73
N PRO A 145 24.28 -21.24 11.48
CA PRO A 145 25.18 -21.21 12.65
C PRO A 145 26.65 -21.16 12.27
N ASP A 146 27.04 -21.61 11.08
CA ASP A 146 28.44 -21.62 10.69
C ASP A 146 28.85 -20.35 9.93
N VAL A 147 27.95 -19.39 9.78
CA VAL A 147 28.27 -18.10 9.20
C VAL A 147 28.43 -17.10 10.35
N ARG A 148 29.53 -16.34 10.34
CA ARG A 148 29.83 -15.43 11.46
C ARG A 148 29.70 -13.99 11.02
N VAL A 149 29.45 -13.10 11.99
CA VAL A 149 29.49 -11.67 11.72
C VAL A 149 30.84 -11.28 11.14
N ARG A 150 30.81 -10.43 10.09
CA ARG A 150 31.92 -9.94 9.25
C ARG A 150 32.36 -10.96 8.18
N ASP A 151 31.76 -12.15 8.10
CA ASP A 151 31.96 -12.98 6.92
C ASP A 151 31.43 -12.26 5.69
N VAL A 152 32.05 -12.51 4.55
CA VAL A 152 31.59 -11.92 3.28
C VAL A 152 30.89 -13.02 2.50
N ILE A 153 29.70 -12.72 2.00
CA ILE A 153 28.87 -13.68 1.29
C ILE A 153 28.80 -13.21 -0.16
N LEU A 154 29.01 -14.13 -1.07
CA LEU A 154 28.68 -13.90 -2.49
C LEU A 154 27.38 -14.63 -2.75
N ALA A 155 26.35 -13.88 -3.18
CA ALA A 155 25.02 -14.45 -3.38
C ALA A 155 24.98 -15.13 -4.73
N MET A 156 24.92 -16.45 -4.71
CA MET A 156 24.80 -17.19 -5.97
C MET A 156 23.44 -16.99 -6.61
N SER A 157 22.43 -16.77 -5.78
CA SER A 157 21.02 -16.72 -6.17
C SER A 157 20.28 -16.07 -5.01
N ALA A 158 19.03 -15.68 -5.25
CA ALA A 158 18.23 -15.09 -4.17
C ALA A 158 16.82 -15.63 -4.19
N SER A 159 16.38 -16.16 -3.04
CA SER A 159 14.99 -16.44 -2.71
C SER A 159 14.32 -15.13 -2.33
N THR A 160 12.98 -15.11 -2.31
CA THR A 160 12.28 -13.85 -1.99
C THR A 160 10.85 -14.12 -1.56
N ASP A 161 10.24 -13.13 -0.87
CA ASP A 161 8.80 -13.15 -0.70
C ASP A 161 8.14 -11.99 -1.44
N SER A 162 8.89 -11.29 -2.28
CA SER A 162 8.31 -10.33 -3.19
C SER A 162 7.36 -11.07 -4.15
N ASN A 163 6.32 -10.34 -4.58
CA ASN A 163 5.38 -10.82 -5.59
C ASN A 163 5.86 -10.55 -7.01
N MET A 164 7.01 -9.90 -7.18
CA MET A 164 7.27 -9.34 -8.52
C MET A 164 7.39 -10.47 -9.57
N ASN A 165 8.04 -11.58 -9.21
CA ASN A 165 8.23 -12.61 -10.22
C ASN A 165 7.03 -13.54 -10.33
N ARG A 166 6.28 -13.76 -9.24
N ARG A 166 6.28 -13.78 -9.23
CA ARG A 166 5.03 -14.50 -9.37
CA ARG A 166 5.02 -14.51 -9.38
C ARG A 166 4.09 -13.84 -10.36
C ARG A 166 4.15 -13.83 -10.43
N LEU A 167 4.13 -12.51 -10.45
CA LEU A 167 3.26 -11.80 -11.38
C LEU A 167 3.82 -11.84 -12.80
N ILE A 168 5.14 -11.92 -12.97
CA ILE A 168 5.69 -12.03 -14.33
C ILE A 168 5.52 -13.43 -14.89
N PHE A 169 5.76 -14.44 -14.06
CA PHE A 169 5.81 -15.83 -14.52
C PHE A 169 4.53 -16.59 -14.23
N ARG A 170 3.42 -15.88 -14.01
CA ARG A 170 2.09 -16.49 -13.93
C ARG A 170 2.04 -17.51 -12.78
N GLY A 171 2.66 -17.16 -11.65
CA GLY A 171 2.65 -17.99 -10.49
C GLY A 171 3.68 -19.11 -10.43
N ARG A 172 4.50 -19.30 -11.48
CA ARG A 172 5.56 -20.31 -11.44
C ARG A 172 6.79 -19.75 -10.71
N ASP A 173 7.83 -20.59 -10.54
CA ASP A 173 9.00 -20.27 -9.69
C ASP A 173 10.19 -19.90 -10.58
N TYR A 174 10.57 -18.64 -10.60
CA TYR A 174 11.79 -18.20 -11.26
C TYR A 174 12.89 -18.09 -10.21
N ALA A 175 14.08 -18.58 -10.55
CA ALA A 175 15.22 -18.53 -9.64
C ALA A 175 16.19 -17.40 -10.02
N PRO A 176 16.15 -16.24 -9.38
CA PRO A 176 17.09 -15.15 -9.67
C PRO A 176 18.54 -15.56 -9.34
N THR A 177 19.43 -15.41 -10.34
CA THR A 177 20.74 -16.07 -10.28
C THR A 177 21.81 -15.08 -10.72
N ALA A 178 22.96 -15.13 -10.06
CA ALA A 178 24.10 -14.26 -10.32
C ALA A 178 24.74 -14.62 -11.66
N ASP A 179 25.43 -13.65 -12.25
CA ASP A 179 26.30 -13.96 -13.39
C ASP A 179 27.46 -14.83 -12.91
N PHE A 180 27.63 -15.98 -13.55
CA PHE A 180 28.65 -16.93 -13.09
C PHE A 180 30.06 -16.33 -13.16
N HIS A 181 30.39 -15.63 -14.25
CA HIS A 181 31.79 -15.21 -14.36
C HIS A 181 32.12 -14.07 -13.37
N LEU A 182 31.19 -13.17 -13.10
CA LEU A 182 31.40 -12.24 -12.00
C LEU A 182 31.59 -12.99 -10.68
N LEU A 183 30.71 -13.95 -10.41
CA LEU A 183 30.77 -14.67 -9.16
C LEU A 183 32.11 -15.37 -9.00
N ARG A 184 32.50 -16.13 -10.02
CA ARG A 184 33.76 -16.85 -9.98
C ARG A 184 34.93 -15.89 -9.81
N THR A 185 34.93 -14.77 -10.53
CA THR A 185 35.98 -13.76 -10.36
C THR A 185 36.04 -13.23 -8.92
N ALA A 186 34.90 -12.82 -8.37
CA ALA A 186 34.90 -12.34 -6.99
C ALA A 186 35.44 -13.40 -6.05
N TYR A 187 35.08 -14.65 -6.31
CA TYR A 187 35.55 -15.73 -5.45
C TYR A 187 37.08 -15.81 -5.48
N GLU A 188 37.64 -15.77 -6.70
CA GLU A 188 39.08 -15.87 -6.87
C GLU A 188 39.81 -14.70 -6.19
N VAL A 189 39.25 -13.49 -6.29
CA VAL A 189 39.85 -12.33 -5.63
C VAL A 189 39.79 -12.49 -4.12
N GLY A 190 38.67 -13.00 -3.61
CA GLY A 190 38.58 -13.26 -2.17
C GLY A 190 39.66 -14.24 -1.72
N VAL A 191 39.97 -15.22 -2.56
CA VAL A 191 41.05 -16.18 -2.28
C VAL A 191 42.40 -15.47 -2.22
N GLU A 192 42.73 -14.69 -3.27
CA GLU A 192 43.95 -13.90 -3.26
C GLU A 192 44.11 -13.06 -1.99
N LYS A 193 43.02 -12.64 -1.35
CA LYS A 193 43.09 -11.77 -0.19
C LYS A 193 42.96 -12.51 1.13
N GLY A 194 42.82 -13.84 1.09
CA GLY A 194 42.51 -14.60 2.29
C GLY A 194 41.30 -14.18 3.11
N LEU A 195 40.13 -14.02 2.48
CA LEU A 195 38.92 -13.66 3.21
C LEU A 195 38.05 -14.90 3.51
N ALA A 196 37.22 -14.79 4.56
CA ALA A 196 36.21 -15.81 4.91
C ALA A 196 34.97 -15.62 4.02
N LEU A 197 34.89 -16.36 2.90
CA LEU A 197 33.93 -16.13 1.79
C LEU A 197 33.00 -17.32 1.55
N LYS A 198 31.74 -17.18 1.96
CA LYS A 198 30.71 -18.19 1.73
C LYS A 198 29.96 -17.85 0.45
N VAL A 199 29.55 -18.85 -0.31
CA VAL A 199 28.83 -18.64 -1.59
C VAL A 199 27.54 -19.41 -1.46
N GLY A 200 26.41 -18.74 -1.63
CA GLY A 200 25.16 -19.49 -1.61
C GLY A 200 23.95 -18.62 -1.86
N ASN A 201 22.79 -19.12 -1.42
CA ASN A 201 21.51 -18.43 -1.59
C ASN A 201 21.25 -17.43 -0.46
N VAL A 202 20.73 -16.25 -0.81
CA VAL A 202 20.27 -15.28 0.17
C VAL A 202 18.77 -15.11 -0.01
N PHE A 203 18.12 -14.54 1.01
CA PHE A 203 16.69 -14.30 0.96
C PHE A 203 16.41 -12.79 0.89
N THR A 204 15.71 -12.34 -0.18
CA THR A 204 15.35 -10.93 -0.36
C THR A 204 13.98 -10.69 0.25
N ALA A 205 13.98 -10.03 1.41
CA ALA A 205 12.75 -9.78 2.17
C ALA A 205 12.09 -8.48 1.68
N ASP A 206 10.75 -8.49 1.59
CA ASP A 206 9.97 -7.23 1.52
C ASP A 206 9.80 -6.62 2.93
N MET A 207 9.75 -7.45 3.96
CA MET A 207 9.38 -6.94 5.27
C MET A 207 10.53 -7.14 6.26
N PHE A 208 11.29 -6.05 6.43
CA PHE A 208 12.36 -6.03 7.42
C PHE A 208 11.79 -6.45 8.77
N TYR A 209 10.62 -5.93 9.11
CA TYR A 209 9.88 -6.31 10.34
C TYR A 209 8.77 -7.23 9.87
N ASN A 210 8.95 -8.53 10.05
CA ASN A 210 8.02 -9.57 9.63
C ASN A 210 7.62 -10.37 10.88
N ASP A 211 6.31 -10.47 11.15
CA ASP A 211 5.90 -11.32 12.27
C ASP A 211 6.09 -12.81 11.98
N GLU A 212 6.23 -13.23 10.71
CA GLU A 212 6.29 -14.66 10.42
C GLU A 212 7.31 -14.90 9.30
N PRO A 213 8.60 -14.66 9.60
CA PRO A 213 9.65 -14.96 8.60
C PRO A 213 9.89 -16.45 8.39
N ASN A 214 9.58 -17.31 9.36
CA ASN A 214 9.84 -18.73 9.29
C ASN A 214 11.33 -19.00 8.99
N TRP A 215 12.24 -18.33 9.71
CA TRP A 215 13.66 -18.49 9.34
C TRP A 215 14.15 -19.93 9.50
N GLU A 216 13.58 -20.70 10.47
CA GLU A 216 13.94 -22.12 10.58
C GLU A 216 13.75 -22.88 9.28
N THR A 217 12.68 -22.62 8.55
CA THR A 217 12.45 -23.29 7.27
CA THR A 217 12.45 -23.28 7.27
C THR A 217 13.46 -22.82 6.22
N TRP A 218 13.63 -21.51 6.06
CA TRP A 218 14.62 -21.03 5.08
C TRP A 218 16.01 -21.58 5.39
N ALA A 219 16.41 -21.59 6.68
CA ALA A 219 17.76 -22.07 7.01
C ALA A 219 17.89 -23.55 6.72
N ARG A 220 16.81 -24.32 6.94
CA ARG A 220 16.88 -25.75 6.69
C ARG A 220 17.23 -26.05 5.26
N TYR A 221 16.78 -25.17 4.38
CA TYR A 221 16.96 -25.34 2.95
C TYR A 221 18.16 -24.54 2.43
N GLY A 222 19.04 -24.13 3.32
CA GLY A 222 20.33 -23.60 2.91
C GLY A 222 20.45 -22.10 2.78
N VAL A 223 19.40 -21.32 3.04
CA VAL A 223 19.51 -19.86 2.92
C VAL A 223 20.53 -19.35 3.91
N LEU A 224 21.48 -18.52 3.45
CA LEU A 224 22.58 -18.08 4.31
C LEU A 224 22.22 -16.86 5.15
N ALA A 225 21.44 -15.93 4.59
CA ALA A 225 21.29 -14.60 5.19
C ALA A 225 20.12 -13.89 4.53
N VAL A 226 19.59 -12.85 5.24
CA VAL A 226 18.53 -11.98 4.74
C VAL A 226 19.10 -10.64 4.29
N GLU A 227 18.58 -10.13 3.18
CA GLU A 227 18.80 -8.75 2.78
C GLU A 227 17.53 -8.32 2.01
N MET A 228 17.58 -7.20 1.24
CA MET A 228 16.28 -6.72 0.74
C MET A 228 16.28 -6.32 -0.73
N GLU A 229 17.30 -6.67 -1.49
CA GLU A 229 17.41 -6.16 -2.87
C GLU A 229 17.81 -7.16 -3.93
N THR A 230 18.52 -8.23 -3.58
CA THR A 230 19.26 -8.98 -4.59
C THR A 230 18.36 -9.68 -5.62
N ALA A 231 17.21 -10.23 -5.19
CA ALA A 231 16.32 -10.90 -6.15
C ALA A 231 15.93 -9.98 -7.30
N ALA A 232 15.69 -8.71 -7.00
CA ALA A 232 15.27 -7.78 -8.06
C ALA A 232 16.44 -7.45 -8.99
N LEU A 233 17.64 -7.26 -8.39
CA LEU A 233 18.84 -6.97 -9.18
C LEU A 233 19.12 -8.10 -10.16
N TYR A 234 19.06 -9.35 -9.66
CA TYR A 234 19.42 -10.48 -10.52
C TYR A 234 18.38 -10.71 -11.61
N THR A 235 17.10 -10.52 -11.28
CA THR A 235 16.05 -10.71 -12.27
C THR A 235 16.15 -9.66 -13.39
N LEU A 236 16.29 -8.38 -13.00
CA LEU A 236 16.34 -7.32 -14.02
C LEU A 236 17.64 -7.35 -14.81
N ALA A 237 18.76 -7.74 -14.18
CA ALA A 237 19.99 -7.87 -14.98
C ALA A 237 19.85 -8.97 -16.04
N ALA A 238 19.27 -10.12 -15.65
CA ALA A 238 19.03 -11.20 -16.62
C ALA A 238 18.10 -10.75 -17.75
N LYS A 239 17.04 -9.99 -17.40
CA LYS A 239 16.05 -9.54 -18.38
C LYS A 239 16.71 -8.76 -19.51
N PHE A 240 17.71 -7.98 -19.16
CA PHE A 240 18.32 -7.08 -20.14
C PHE A 240 19.72 -7.55 -20.58
N GLY A 241 20.08 -8.79 -20.26
CA GLY A 241 21.37 -9.30 -20.66
C GLY A 241 22.57 -8.66 -20.00
N CYS A 242 22.46 -8.24 -18.74
CA CYS A 242 23.54 -7.58 -18.03
C CYS A 242 24.08 -8.53 -16.98
N ARG A 243 25.21 -8.16 -16.38
CA ARG A 243 25.90 -9.05 -15.44
C ARG A 243 25.77 -8.47 -14.05
N ALA A 244 25.31 -9.30 -13.11
CA ALA A 244 25.05 -8.79 -11.78
C ALA A 244 25.60 -9.75 -10.74
N LEU A 245 26.01 -9.17 -9.61
CA LEU A 245 26.46 -9.93 -8.44
C LEU A 245 26.21 -9.10 -7.19
N SER A 246 25.87 -9.76 -6.06
CA SER A 246 25.83 -9.10 -4.76
C SER A 246 26.97 -9.66 -3.89
N VAL A 247 27.80 -8.74 -3.37
CA VAL A 247 28.86 -9.05 -2.40
C VAL A 247 28.40 -8.45 -1.08
N LEU A 248 28.22 -9.29 -0.05
CA LEU A 248 27.54 -8.82 1.14
C LEU A 248 28.36 -9.11 2.38
N THR A 249 28.38 -8.17 3.30
CA THR A 249 29.00 -8.39 4.61
C THR A 249 27.95 -8.79 5.62
N VAL A 250 28.25 -9.82 6.42
CA VAL A 250 27.33 -10.19 7.48
C VAL A 250 27.45 -9.16 8.60
N SER A 251 26.36 -8.46 8.89
CA SER A 251 26.40 -7.43 9.91
C SER A 251 25.61 -7.79 11.17
N ASP A 252 24.89 -8.90 11.15
CA ASP A 252 24.07 -9.32 12.29
C ASP A 252 23.83 -10.81 12.14
N HIS A 253 23.49 -11.45 13.25
CA HIS A 253 23.20 -12.86 13.25
C HIS A 253 21.95 -13.09 14.07
N ILE A 254 21.11 -14.01 13.62
CA ILE A 254 19.86 -14.25 14.32
C ILE A 254 20.12 -15.03 15.62
N LEU A 255 21.22 -15.79 15.69
CA LEU A 255 21.56 -16.54 16.90
C LEU A 255 22.56 -15.75 17.74
N THR A 256 23.79 -15.61 17.25
CA THR A 256 24.88 -14.91 17.97
C THR A 256 24.46 -13.58 18.60
N GLU A 258 26.99 -10.99 17.83
CA GLU A 258 28.42 -10.87 18.17
C GLU A 258 28.94 -9.42 18.05
N GLU A 259 29.53 -8.91 19.14
CA GLU A 259 29.93 -7.51 19.20
C GLU A 259 31.13 -7.23 18.31
N THR A 260 31.13 -6.05 17.68
CA THR A 260 32.22 -5.58 16.81
C THR A 260 32.52 -4.12 17.12
N THR A 261 33.65 -3.64 16.60
CA THR A 261 34.02 -2.24 16.73
C THR A 261 33.89 -1.51 15.40
N ALA A 262 34.00 -0.18 15.48
CA ALA A 262 33.96 0.63 14.26
C ALA A 262 35.12 0.31 13.33
N GLU A 263 36.34 0.22 13.89
CA GLU A 263 37.50 -0.11 13.04
C GLU A 263 37.29 -1.44 12.33
N GLU A 264 36.81 -2.45 13.07
CA GLU A 264 36.56 -3.76 12.49
C GLU A 264 35.60 -3.65 11.32
N ARG A 265 34.47 -2.96 11.53
CA ARG A 265 33.48 -2.78 10.48
C ARG A 265 34.08 -2.06 9.28
N GLN A 266 34.81 -0.98 9.52
CA GLN A 266 35.34 -0.25 8.36
C GLN A 266 36.35 -1.11 7.60
N MET A 267 37.16 -1.90 8.32
CA MET A 267 38.13 -2.78 7.66
C MET A 267 37.42 -3.81 6.78
N THR A 268 36.36 -4.45 7.30
CA THR A 268 35.68 -5.45 6.48
C THR A 268 34.97 -4.79 5.31
N PHE A 269 34.39 -3.61 5.54
CA PHE A 269 33.76 -2.88 4.45
C PHE A 269 34.75 -2.64 3.32
N ASN A 270 35.98 -2.24 3.67
CA ASN A 270 37.00 -1.93 2.67
C ASN A 270 37.35 -3.17 1.85
N GLU A 271 37.47 -4.32 2.53
CA GLU A 271 37.73 -5.57 1.83
C GLU A 271 36.59 -5.91 0.87
N MET A 272 35.32 -5.75 1.32
CA MET A 272 34.21 -6.06 0.41
C MET A 272 34.26 -5.15 -0.81
N ILE A 273 34.53 -3.86 -0.61
CA ILE A 273 34.58 -2.93 -1.74
C ILE A 273 35.70 -3.31 -2.72
N GLU A 274 36.88 -3.67 -2.19
CA GLU A 274 37.97 -4.09 -3.07
C GLU A 274 37.64 -5.34 -3.86
N VAL A 275 36.95 -6.31 -3.24
CA VAL A 275 36.50 -7.48 -4.01
C VAL A 275 35.59 -7.03 -5.15
N ALA A 276 34.62 -6.17 -4.84
CA ALA A 276 33.66 -5.72 -5.87
C ALA A 276 34.35 -4.99 -7.01
N LEU A 277 35.28 -4.10 -6.66
CA LEU A 277 35.94 -3.31 -7.70
C LEU A 277 36.74 -4.19 -8.64
N GLU A 278 37.48 -5.15 -8.06
CA GLU A 278 38.24 -6.08 -8.89
C GLU A 278 37.30 -6.92 -9.73
N ALA A 279 36.21 -7.40 -9.14
CA ALA A 279 35.26 -8.17 -9.93
C ALA A 279 34.76 -7.35 -11.10
N ALA A 280 34.48 -6.06 -10.85
CA ALA A 280 33.94 -5.18 -11.90
C ALA A 280 34.92 -4.98 -13.05
N ILE A 281 36.21 -4.84 -12.78
CA ILE A 281 37.12 -4.45 -13.85
C ILE A 281 37.81 -5.64 -14.51
N ARG A 282 37.87 -6.80 -13.86
CA ARG A 282 38.38 -7.99 -14.53
C ARG A 282 37.35 -8.58 -15.50
N GLU B 41 24.47 0.65 12.71
CA GLU B 41 25.44 -0.44 12.67
C GLU B 41 25.00 -1.57 11.70
N ASN B 42 23.85 -1.37 11.02
CA ASN B 42 23.26 -2.34 10.07
C ASN B 42 22.77 -3.62 10.75
N LEU B 43 22.08 -3.47 11.88
CA LEU B 43 21.52 -4.62 12.59
C LEU B 43 20.19 -5.00 11.97
N TYR B 44 19.97 -6.31 11.73
CA TYR B 44 18.75 -6.84 11.11
C TYR B 44 17.76 -7.41 12.12
N PHE B 45 18.25 -7.87 13.27
CA PHE B 45 17.41 -8.63 14.18
C PHE B 45 17.10 -7.88 15.46
N GLN B 46 17.25 -6.56 15.47
CA GLN B 46 16.61 -5.81 16.54
C GLN B 46 15.16 -5.57 16.15
N GLY B 47 14.33 -5.54 17.17
CA GLY B 47 12.94 -5.17 16.96
C GLY B 47 12.80 -3.73 16.50
N ALA B 48 11.61 -3.48 15.96
CA ALA B 48 11.27 -2.13 15.51
C ALA B 48 11.40 -1.11 16.62
N MET B 49 11.14 -1.50 17.88
CA MET B 49 11.17 -0.51 18.95
C MET B 49 12.55 0.11 19.10
N MET B 50 13.61 -0.56 18.61
CA MET B 50 14.97 -0.04 18.69
C MET B 50 15.26 0.93 17.54
N SER B 51 14.36 1.02 16.57
CA SER B 51 14.42 1.94 15.42
C SER B 51 15.84 2.21 14.92
N VAL B 52 16.50 1.18 14.40
CA VAL B 52 17.90 1.36 13.97
C VAL B 52 18.07 2.24 12.73
N HIS B 53 16.99 2.57 11.99
CA HIS B 53 17.11 3.46 10.82
C HIS B 53 16.87 4.92 11.13
N ILE B 54 16.58 5.26 12.40
CA ILE B 54 16.23 6.63 12.73
C ILE B 54 17.09 7.06 13.90
N GLY B 55 17.90 8.12 13.71
CA GLY B 55 18.89 8.45 14.70
C GLY B 55 18.42 9.42 15.79
N ALA B 56 17.10 9.53 15.98
CA ALA B 56 16.55 10.51 16.91
C ALA B 56 16.66 10.04 18.35
N LYS B 57 16.87 10.99 19.26
CA LYS B 57 16.71 10.70 20.68
C LYS B 57 15.24 10.47 21.01
N ALA B 58 14.99 9.72 22.11
CA ALA B 58 13.64 9.58 22.61
C ALA B 58 12.97 10.96 22.75
N GLY B 59 11.73 11.06 22.27
CA GLY B 59 10.99 12.31 22.29
C GLY B 59 11.29 13.35 21.23
N GLU B 60 12.27 13.16 20.34
CA GLU B 60 12.58 14.19 19.35
C GLU B 60 11.56 14.22 18.22
N ILE B 61 10.70 13.21 18.10
CA ILE B 61 9.70 13.07 17.04
C ILE B 61 8.30 13.29 17.62
N ALA B 62 7.53 14.14 16.95
CA ALA B 62 6.18 14.49 17.35
C ALA B 62 5.22 13.34 17.11
N GLU B 63 4.14 13.34 17.87
CA GLU B 63 3.08 12.35 17.74
C GLU B 63 2.36 12.44 16.41
N ARG B 64 2.38 13.61 15.77
CA ARG B 64 1.82 13.85 14.44
C ARG B 64 2.95 14.02 13.45
N ILE B 65 2.86 13.32 12.31
CA ILE B 65 3.96 13.36 11.35
C ILE B 65 3.43 13.39 9.91
N LEU B 66 4.09 14.18 9.08
CA LEU B 66 3.88 14.18 7.64
C LEU B 66 4.97 13.32 7.00
N LEU B 67 4.59 12.52 5.96
CA LEU B 67 5.51 11.54 5.38
C LEU B 67 5.64 11.77 3.88
N PRO B 68 6.46 12.70 3.44
CA PRO B 68 6.81 12.73 2.00
C PRO B 68 7.79 11.61 1.69
N GLY B 69 7.82 11.17 0.43
CA GLY B 69 8.78 10.14 0.06
C GLY B 69 10.20 10.67 -0.01
N ASP B 70 10.35 11.92 -0.47
CA ASP B 70 11.64 12.51 -0.82
C ASP B 70 12.22 13.22 0.39
N PRO B 71 13.41 12.84 0.87
CA PRO B 71 13.98 13.56 2.02
C PRO B 71 14.21 15.04 1.74
N LEU B 72 14.46 15.41 0.49
CA LEU B 72 14.57 16.85 0.19
C LEU B 72 13.21 17.55 0.27
N ARG B 73 12.11 16.83 0.02
CA ARG B 73 10.83 17.46 0.23
C ARG B 73 10.54 17.60 1.73
N ALA B 74 10.97 16.63 2.54
CA ALA B 74 10.83 16.80 4.00
C ALA B 74 11.50 18.08 4.46
N LYS B 75 12.71 18.35 3.97
CA LYS B 75 13.46 19.53 4.37
C LYS B 75 12.75 20.80 3.92
N TYR B 76 12.24 20.80 2.67
CA TYR B 76 11.47 21.93 2.18
C TYR B 76 10.24 22.19 3.05
N ILE B 77 9.44 21.16 3.29
CA ILE B 77 8.25 21.31 4.14
C ILE B 77 8.64 21.88 5.52
N ALA B 78 9.68 21.32 6.14
CA ALA B 78 10.06 21.76 7.48
C ALA B 78 10.48 23.23 7.49
N GLU B 79 11.28 23.63 6.52
CA GLU B 79 11.77 25.00 6.46
C GLU B 79 10.72 26.01 6.02
N THR B 80 9.72 25.57 5.27
CA THR B 80 8.76 26.51 4.69
C THR B 80 7.55 26.70 5.58
N PHE B 81 7.08 25.64 6.23
CA PHE B 81 5.81 25.62 6.94
C PHE B 81 5.93 25.53 8.46
N LEU B 82 7.06 25.10 8.99
CA LEU B 82 7.17 24.84 10.41
C LEU B 82 8.03 25.91 11.07
N GLU B 83 7.67 26.28 12.29
CA GLU B 83 8.47 27.20 13.06
C GLU B 83 9.48 26.40 13.84
N GLY B 84 10.71 26.88 13.86
CA GLY B 84 11.72 26.33 14.75
C GLY B 84 12.12 24.91 14.43
N ALA B 85 12.15 24.56 13.15
CA ALA B 85 12.35 23.17 12.77
C ALA B 85 13.80 22.75 13.01
N VAL B 86 14.00 21.57 13.61
CA VAL B 86 15.33 21.00 13.83
C VAL B 86 15.40 19.62 13.20
N CYS B 87 16.54 19.29 12.63
CA CYS B 87 16.74 17.97 12.05
C CYS B 87 17.06 16.95 13.13
N TYR B 88 16.29 15.86 13.19
CA TYR B 88 16.56 14.79 14.15
C TYR B 88 17.16 13.54 13.52
N ASN B 89 17.17 13.41 12.20
CA ASN B 89 17.72 12.19 11.62
C ASN B 89 18.46 12.49 10.33
N GLU B 90 19.67 11.97 10.22
CA GLU B 90 20.39 11.96 8.94
C GLU B 90 20.83 10.55 8.51
N VAL B 91 20.48 9.52 9.29
CA VAL B 91 20.86 8.16 8.89
C VAL B 91 20.38 7.88 7.47
N ARG B 92 21.27 7.35 6.63
N ARG B 92 21.29 7.38 6.63
CA ARG B 92 21.02 7.06 5.20
CA ARG B 92 21.03 7.06 5.22
C ARG B 92 20.63 8.29 4.39
C ARG B 92 20.54 8.27 4.43
N GLY B 93 20.77 9.49 4.95
CA GLY B 93 20.30 10.69 4.32
C GLY B 93 18.80 10.88 4.33
N MET B 94 18.08 10.05 5.08
CA MET B 94 16.62 10.05 5.02
C MET B 94 16.16 11.05 6.08
N LEU B 95 16.26 12.35 5.75
CA LEU B 95 16.10 13.43 6.74
C LEU B 95 14.72 13.43 7.42
N GLY B 96 14.72 13.75 8.71
CA GLY B 96 13.48 14.00 9.43
C GLY B 96 13.64 15.22 10.31
N PHE B 97 12.53 15.96 10.49
CA PHE B 97 12.56 17.26 11.18
C PHE B 97 11.40 17.36 12.13
N THR B 98 11.57 18.15 13.20
CA THR B 98 10.48 18.46 14.11
C THR B 98 10.41 19.97 14.32
N GLY B 99 9.20 20.51 14.32
CA GLY B 99 9.01 21.93 14.52
C GLY B 99 7.60 22.16 15.00
N THR B 100 7.07 23.37 14.87
CA THR B 100 5.70 23.61 15.28
C THR B 100 4.90 24.29 14.18
N TYR B 101 3.61 23.96 14.19
CA TYR B 101 2.64 24.56 13.29
C TYR B 101 1.46 25.00 14.14
N LYS B 102 1.16 26.31 14.12
CA LYS B 102 0.05 26.86 14.88
C LYS B 102 0.08 26.37 16.31
N GLY B 103 1.27 26.43 16.91
CA GLY B 103 1.50 26.01 18.27
C GLY B 103 1.48 24.53 18.55
N GLU B 104 1.35 23.68 17.54
CA GLU B 104 1.36 22.23 17.74
C GLU B 104 2.66 21.65 17.26
N ARG B 105 3.15 20.65 17.96
CA ARG B 105 4.36 19.95 17.52
C ARG B 105 4.06 19.05 16.34
N ILE B 106 4.89 19.13 15.31
CA ILE B 106 4.70 18.39 14.07
C ILE B 106 6.06 17.90 13.59
N SER B 107 6.15 16.65 13.14
CA SER B 107 7.37 16.20 12.47
C SER B 107 7.10 15.93 10.99
N VAL B 108 8.20 15.79 10.24
CA VAL B 108 8.12 15.55 8.80
C VAL B 108 9.33 14.69 8.46
N GLN B 109 9.07 13.50 7.89
CA GLN B 109 10.06 12.44 7.73
C GLN B 109 10.00 11.83 6.33
N GLY B 110 11.11 11.90 5.59
CA GLY B 110 11.22 11.13 4.34
C GLY B 110 11.08 9.64 4.53
N THR B 111 10.48 8.97 3.53
CA THR B 111 10.20 7.53 3.63
C THR B 111 10.95 6.66 2.61
N GLY B 112 11.50 7.23 1.56
CA GLY B 112 11.95 6.42 0.44
C GLY B 112 10.78 5.90 -0.38
N MET B 113 11.09 5.06 -1.37
CA MET B 113 10.11 4.66 -2.37
C MET B 113 9.76 3.20 -2.13
N GLY B 114 8.48 2.88 -2.13
CA GLY B 114 8.04 1.50 -2.18
C GLY B 114 7.57 1.00 -0.81
N VAL B 115 6.77 -0.06 -0.86
CA VAL B 115 6.21 -0.67 0.38
C VAL B 115 7.32 -1.08 1.35
N PRO B 116 8.43 -1.73 0.93
CA PRO B 116 9.44 -2.15 1.95
C PRO B 116 10.11 -0.99 2.66
N SER B 117 10.39 0.08 1.93
CA SER B 117 11.05 1.24 2.54
C SER B 117 10.11 1.92 3.54
N ILE B 118 8.90 2.26 3.09
CA ILE B 118 8.04 2.99 4.01
C ILE B 118 7.68 2.09 5.19
N SER B 119 7.64 0.77 5.00
CA SER B 119 7.24 -0.09 6.13
C SER B 119 8.31 -0.09 7.20
N ILE B 120 9.59 0.06 6.82
CA ILE B 120 10.64 0.20 7.84
C ILE B 120 10.41 1.46 8.67
N TYR B 121 10.26 2.61 8.00
CA TYR B 121 10.12 3.86 8.72
C TYR B 121 8.85 3.91 9.55
N VAL B 122 7.73 3.44 8.99
CA VAL B 122 6.46 3.50 9.75
C VAL B 122 6.51 2.59 10.97
N ASN B 123 7.02 1.35 10.81
CA ASN B 123 7.16 0.48 12.00
C ASN B 123 7.98 1.16 13.11
N GLU B 124 9.11 1.79 12.73
CA GLU B 124 9.99 2.38 13.73
C GLU B 124 9.35 3.63 14.34
N LEU B 125 8.66 4.44 13.53
CA LEU B 125 8.04 5.64 14.06
C LEU B 125 6.97 5.27 15.08
N ILE B 126 6.14 4.29 14.73
CA ILE B 126 5.05 3.87 15.60
C ILE B 126 5.59 3.16 16.83
N GLN B 127 6.47 2.18 16.63
CA GLN B 127 6.84 1.31 17.75
C GLN B 127 7.96 1.84 18.64
N SER B 128 8.76 2.78 18.16
CA SER B 128 9.87 3.33 18.92
C SER B 128 9.61 4.73 19.41
N TYR B 129 8.88 5.55 18.64
CA TYR B 129 8.75 6.96 18.97
C TYR B 129 7.31 7.35 19.34
N GLY B 130 6.39 6.39 19.38
CA GLY B 130 5.02 6.65 19.76
C GLY B 130 4.24 7.52 18.81
N VAL B 131 4.59 7.51 17.52
CA VAL B 131 3.82 8.29 16.58
C VAL B 131 2.40 7.71 16.47
N LYS B 132 1.39 8.61 16.42
CA LYS B 132 -0.01 8.19 16.40
C LYS B 132 -0.78 8.65 15.16
N THR B 133 -0.38 9.75 14.54
CA THR B 133 -1.09 10.33 13.41
C THR B 133 -0.09 10.49 12.28
N LEU B 134 -0.36 9.83 11.14
CA LEU B 134 0.61 9.75 10.05
C LEU B 134 -0.09 10.13 8.76
N ILE B 135 0.36 11.24 8.15
CA ILE B 135 -0.20 11.76 6.88
C ILE B 135 0.87 11.70 5.79
N ARG B 136 0.67 10.80 4.85
CA ARG B 136 1.54 10.79 3.67
C ARG B 136 1.18 11.95 2.74
N VAL B 137 2.19 12.64 2.23
CA VAL B 137 1.97 13.67 1.21
C VAL B 137 2.87 13.36 0.01
N GLY B 138 2.33 13.44 -1.18
CA GLY B 138 3.20 13.08 -2.28
C GLY B 138 2.49 13.26 -3.59
N THR B 139 2.92 12.50 -4.59
CA THR B 139 2.39 12.55 -5.93
C THR B 139 1.73 11.23 -6.31
N CYS B 140 1.05 11.22 -7.45
CA CYS B 140 0.48 9.97 -7.94
C CYS B 140 0.23 10.15 -9.44
N GLY B 141 0.07 9.03 -10.15
CA GLY B 141 -0.21 9.07 -11.59
C GLY B 141 -1.65 8.70 -11.91
N ALA B 142 -2.43 9.62 -12.49
CA ALA B 142 -3.84 9.34 -12.71
C ALA B 142 -4.04 8.35 -13.85
N ILE B 143 -5.08 7.52 -13.71
CA ILE B 143 -5.45 6.57 -14.74
C ILE B 143 -6.93 6.73 -15.12
N GLN B 144 -7.58 7.80 -14.64
CA GLN B 144 -9.00 8.04 -14.93
C GLN B 144 -9.15 9.24 -15.85
N PRO B 145 -10.00 9.13 -16.89
CA PRO B 145 -10.21 10.29 -17.77
C PRO B 145 -10.64 11.53 -17.02
N ASP B 146 -11.46 11.41 -15.98
CA ASP B 146 -11.97 12.60 -15.33
C ASP B 146 -11.13 13.07 -14.14
N VAL B 147 -9.97 12.46 -13.91
CA VAL B 147 -9.03 13.01 -12.94
C VAL B 147 -7.99 13.81 -13.71
N ARG B 148 -7.71 15.01 -13.25
CA ARG B 148 -6.85 15.92 -13.99
C ARG B 148 -5.55 16.17 -13.23
N VAL B 149 -4.50 16.46 -14.00
CA VAL B 149 -3.24 16.86 -13.38
C VAL B 149 -3.47 18.05 -12.47
N ARG B 150 -2.81 18.04 -11.31
CA ARG B 150 -2.93 19.02 -10.23
C ARG B 150 -4.17 18.78 -9.37
N ASP B 151 -5.03 17.81 -9.69
CA ASP B 151 -6.05 17.42 -8.71
C ASP B 151 -5.37 16.91 -7.46
N VAL B 152 -6.01 17.14 -6.31
CA VAL B 152 -5.54 16.58 -5.05
C VAL B 152 -6.47 15.44 -4.66
N ILE B 153 -5.90 14.26 -4.39
CA ILE B 153 -6.65 13.06 -4.11
C ILE B 153 -6.47 12.71 -2.64
N LEU B 154 -7.57 12.38 -1.95
CA LEU B 154 -7.52 11.78 -0.61
C LEU B 154 -7.77 10.29 -0.79
N ALA B 155 -6.78 9.44 -0.44
CA ALA B 155 -6.93 8.01 -0.64
C ALA B 155 -7.81 7.44 0.45
N MET B 156 -8.99 6.99 0.07
CA MET B 156 -9.86 6.38 1.03
C MET B 156 -9.39 4.96 1.32
N SER B 157 -8.71 4.36 0.34
CA SER B 157 -8.22 2.99 0.48
C SER B 157 -7.12 2.79 -0.56
N ALA B 158 -6.48 1.63 -0.50
CA ALA B 158 -5.41 1.34 -1.46
C ALA B 158 -5.42 -0.12 -1.86
N SER B 159 -5.52 -0.34 -3.16
CA SER B 159 -5.27 -1.61 -3.80
C SER B 159 -3.75 -1.79 -3.90
N THR B 160 -3.30 -2.99 -4.24
CA THR B 160 -1.84 -3.23 -4.33
C THR B 160 -1.54 -4.52 -5.07
N ASP B 161 -0.30 -4.61 -5.59
CA ASP B 161 0.23 -5.91 -6.01
C ASP B 161 1.39 -6.34 -5.14
N SER B 162 1.60 -5.68 -4.01
CA SER B 162 2.53 -6.21 -3.01
C SER B 162 2.03 -7.57 -2.51
N ASN B 163 2.97 -8.43 -2.13
CA ASN B 163 2.63 -9.68 -1.48
C ASN B 163 2.41 -9.53 0.03
N MET B 164 2.64 -8.35 0.60
CA MET B 164 2.70 -8.21 2.07
C MET B 164 1.45 -8.73 2.77
N ASN B 165 0.27 -8.39 2.24
CA ASN B 165 -0.94 -8.81 2.93
C ASN B 165 -1.39 -10.20 2.54
N ARG B 166 -1.16 -10.65 1.28
CA ARG B 166 -1.40 -12.06 0.98
C ARG B 166 -0.66 -12.98 1.94
N LEU B 167 0.50 -12.54 2.42
CA LEU B 167 1.22 -13.43 3.30
C LEU B 167 0.73 -13.31 4.73
N ILE B 168 0.18 -12.16 5.10
CA ILE B 168 -0.36 -12.03 6.46
C ILE B 168 -1.68 -12.75 6.60
N PHE B 169 -2.56 -12.63 5.60
CA PHE B 169 -3.94 -13.11 5.68
C PHE B 169 -4.13 -14.44 4.96
N ARG B 170 -3.05 -15.22 4.84
CA ARG B 170 -3.00 -16.51 4.13
C ARG B 170 -3.86 -16.52 2.83
N GLY B 171 -3.56 -15.55 1.98
CA GLY B 171 -4.08 -15.54 0.64
C GLY B 171 -5.43 -14.89 0.47
N ARG B 172 -6.08 -14.45 1.56
CA ARG B 172 -7.34 -13.73 1.49
C ARG B 172 -7.08 -12.25 1.22
N ASP B 173 -8.17 -11.52 1.01
CA ASP B 173 -8.14 -10.13 0.56
C ASP B 173 -8.39 -9.17 1.73
N TYR B 174 -7.33 -8.48 2.17
CA TYR B 174 -7.45 -7.39 3.12
C TYR B 174 -7.53 -6.09 2.38
N ALA B 175 -8.47 -5.21 2.80
CA ALA B 175 -8.63 -3.89 2.20
C ALA B 175 -7.97 -2.81 3.04
N PRO B 176 -6.77 -2.36 2.70
CA PRO B 176 -6.14 -1.25 3.45
C PRO B 176 -6.95 0.04 3.33
N THR B 177 -7.25 0.66 4.48
CA THR B 177 -8.26 1.71 4.53
C THR B 177 -7.79 2.86 5.39
N ALA B 178 -8.09 4.09 4.97
CA ALA B 178 -7.70 5.29 5.69
C ALA B 178 -8.51 5.41 6.99
N ASP B 179 -8.00 6.22 7.93
CA ASP B 179 -8.79 6.56 9.12
C ASP B 179 -9.93 7.51 8.71
N PHE B 180 -11.18 7.14 9.06
CA PHE B 180 -12.31 7.93 8.57
C PHE B 180 -12.24 9.37 9.05
N HIS B 181 -11.90 9.58 10.32
CA HIS B 181 -11.97 10.95 10.80
C HIS B 181 -10.89 11.84 10.21
N LEU B 182 -9.66 11.32 9.98
CA LEU B 182 -8.69 12.13 9.25
C LEU B 182 -9.19 12.45 7.85
N LEU B 183 -9.72 11.42 7.17
CA LEU B 183 -10.17 11.62 5.79
C LEU B 183 -11.24 12.71 5.74
N ARG B 184 -12.22 12.63 6.66
CA ARG B 184 -13.30 13.61 6.70
C ARG B 184 -12.79 15.01 6.99
N THR B 185 -11.88 15.14 7.97
CA THR B 185 -11.29 16.45 8.26
C THR B 185 -10.59 17.04 7.03
N ALA B 186 -9.71 16.25 6.40
CA ALA B 186 -9.00 16.74 5.21
C ALA B 186 -9.97 17.20 4.13
N TYR B 187 -11.03 16.43 3.91
CA TYR B 187 -12.02 16.82 2.92
C TYR B 187 -12.64 18.17 3.26
N GLU B 188 -13.06 18.34 4.52
CA GLU B 188 -13.66 19.59 4.97
C GLU B 188 -12.67 20.75 4.87
N VAL B 189 -11.42 20.53 5.29
CA VAL B 189 -10.41 21.58 5.10
C VAL B 189 -10.32 21.95 3.63
N GLY B 190 -10.37 20.95 2.75
CA GLY B 190 -10.32 21.23 1.32
C GLY B 190 -11.49 22.06 0.85
N VAL B 191 -12.70 21.77 1.36
CA VAL B 191 -13.87 22.61 1.09
C VAL B 191 -13.63 24.03 1.58
N GLU B 192 -13.11 24.19 2.81
CA GLU B 192 -12.85 25.53 3.33
C GLU B 192 -11.98 26.36 2.38
N LYS B 193 -11.05 25.71 1.69
CA LYS B 193 -10.16 26.40 0.76
C LYS B 193 -10.68 26.33 -0.65
N GLY B 194 -11.93 25.94 -0.84
CA GLY B 194 -12.52 25.86 -2.17
C GLY B 194 -11.77 24.94 -3.11
N LEU B 195 -11.13 23.91 -2.58
CA LEU B 195 -10.40 22.94 -3.39
C LEU B 195 -11.33 21.86 -3.93
N ALA B 196 -10.84 21.13 -4.94
CA ALA B 196 -11.54 19.99 -5.52
C ALA B 196 -11.62 18.80 -4.56
N LEU B 197 -10.48 18.16 -4.33
CA LEU B 197 -10.34 16.97 -3.50
C LEU B 197 -11.24 15.84 -3.99
N LYS B 198 -10.72 15.02 -4.91
CA LYS B 198 -11.33 13.73 -5.25
C LYS B 198 -11.04 12.70 -4.16
N VAL B 199 -11.97 11.81 -3.90
CA VAL B 199 -11.80 10.84 -2.82
C VAL B 199 -12.05 9.46 -3.36
N GLY B 200 -11.07 8.57 -3.23
CA GLY B 200 -11.30 7.20 -3.66
C GLY B 200 -10.07 6.32 -3.51
N ASN B 201 -10.06 5.24 -4.30
CA ASN B 201 -9.06 4.18 -4.21
C ASN B 201 -7.82 4.51 -5.07
N VAL B 202 -6.64 4.23 -4.52
CA VAL B 202 -5.39 4.38 -5.26
C VAL B 202 -4.75 2.99 -5.31
N PHE B 203 -3.81 2.82 -6.24
CA PHE B 203 -3.12 1.53 -6.39
C PHE B 203 -1.67 1.70 -5.98
N THR B 204 -1.25 0.91 -4.97
CA THR B 204 0.12 0.88 -4.48
C THR B 204 0.92 -0.14 -5.28
N ALA B 205 1.81 0.36 -6.15
CA ALA B 205 2.60 -0.51 -7.02
C ALA B 205 3.96 -0.89 -6.40
N ASP B 206 4.36 -2.16 -6.59
CA ASP B 206 5.74 -2.58 -6.36
C ASP B 206 6.65 -2.19 -7.52
N MET B 207 6.11 -2.13 -8.74
CA MET B 207 6.91 -2.02 -9.96
C MET B 207 6.54 -0.73 -10.69
N PHE B 208 7.30 0.31 -10.42
CA PHE B 208 7.18 1.55 -11.15
C PHE B 208 7.23 1.27 -12.64
N TYR B 209 8.15 0.40 -13.05
CA TYR B 209 8.28 -0.04 -14.44
C TYR B 209 7.71 -1.46 -14.50
N ASN B 210 6.49 -1.58 -14.98
CA ASN B 210 5.79 -2.86 -15.03
C ASN B 210 5.38 -3.10 -16.48
N ASP B 211 5.75 -4.26 -17.03
CA ASP B 211 5.34 -4.58 -18.40
C ASP B 211 3.86 -4.88 -18.51
N GLU B 212 3.19 -5.23 -17.39
CA GLU B 212 1.79 -5.67 -17.41
C GLU B 212 1.02 -5.08 -16.23
N PRO B 213 0.82 -3.75 -16.23
CA PRO B 213 0.01 -3.15 -15.14
C PRO B 213 -1.49 -3.37 -15.30
N ASN B 214 -1.97 -3.64 -16.52
CA ASN B 214 -3.41 -3.79 -16.78
C ASN B 214 -4.20 -2.59 -16.24
N TRP B 215 -3.73 -1.38 -16.55
CA TRP B 215 -4.38 -0.19 -16.00
C TRP B 215 -5.84 -0.09 -16.44
N GLU B 216 -6.19 -0.64 -17.60
CA GLU B 216 -7.59 -0.58 -18.04
C GLU B 216 -8.51 -1.30 -17.05
N THR B 217 -8.05 -2.43 -16.52
CA THR B 217 -8.85 -3.20 -15.59
C THR B 217 -9.01 -2.46 -14.27
N TRP B 218 -7.90 -1.91 -13.76
CA TRP B 218 -7.95 -1.16 -12.50
C TRP B 218 -8.83 0.08 -12.66
N ALA B 219 -8.67 0.82 -13.77
CA ALA B 219 -9.49 2.01 -13.99
C ALA B 219 -10.96 1.64 -14.09
N ARG B 220 -11.26 0.47 -14.66
CA ARG B 220 -12.64 0.05 -14.83
C ARG B 220 -13.34 -0.11 -13.49
N TYR B 221 -12.58 -0.50 -12.46
CA TYR B 221 -13.14 -0.73 -11.15
C TYR B 221 -12.86 0.44 -10.24
N GLY B 222 -12.52 1.59 -10.82
CA GLY B 222 -12.55 2.85 -10.13
C GLY B 222 -11.27 3.32 -9.48
N VAL B 223 -10.14 2.64 -9.70
CA VAL B 223 -8.86 3.12 -9.17
C VAL B 223 -8.54 4.47 -9.78
N LEU B 224 -8.18 5.43 -8.93
CA LEU B 224 -7.96 6.80 -9.41
C LEU B 224 -6.56 7.00 -9.96
N ALA B 225 -5.54 6.43 -9.31
CA ALA B 225 -4.17 6.86 -9.55
C ALA B 225 -3.22 5.81 -8.99
N VAL B 226 -1.96 5.83 -9.45
CA VAL B 226 -0.91 4.93 -8.99
C VAL B 226 0.07 5.70 -8.09
N GLU B 227 0.51 5.04 -7.03
CA GLU B 227 1.62 5.50 -6.19
C GLU B 227 2.30 4.24 -5.63
N MET B 228 3.12 4.36 -4.59
CA MET B 228 3.93 3.18 -4.25
C MET B 228 4.02 2.88 -2.76
N GLU B 229 3.16 3.50 -1.93
CA GLU B 229 3.37 3.36 -0.46
C GLU B 229 2.10 3.19 0.36
N THR B 230 0.95 3.69 -0.11
CA THR B 230 -0.20 3.87 0.79
C THR B 230 -0.72 2.55 1.38
N ALA B 231 -0.77 1.47 0.58
CA ALA B 231 -1.28 0.23 1.14
C ALA B 231 -0.51 -0.18 2.42
N ALA B 232 0.81 0.02 2.43
CA ALA B 232 1.59 -0.39 3.62
C ALA B 232 1.31 0.54 4.79
N LEU B 233 1.29 1.86 4.52
CA LEU B 233 0.97 2.85 5.54
C LEU B 233 -0.37 2.53 6.20
N TYR B 234 -1.42 2.28 5.41
CA TYR B 234 -2.75 2.04 5.98
C TYR B 234 -2.80 0.71 6.73
N THR B 235 -2.12 -0.32 6.23
CA THR B 235 -2.16 -1.61 6.91
C THR B 235 -1.47 -1.53 8.28
N LEU B 236 -0.24 -0.99 8.32
CA LEU B 236 0.52 -0.90 9.58
C LEU B 236 -0.14 0.07 10.56
N ALA B 237 -0.67 1.16 10.07
CA ALA B 237 -1.41 2.07 10.96
C ALA B 237 -2.58 1.35 11.62
N ALA B 238 -3.39 0.63 10.84
CA ALA B 238 -4.46 -0.17 11.44
C ALA B 238 -3.92 -1.19 12.44
N LYS B 239 -2.79 -1.82 12.13
CA LYS B 239 -2.25 -2.88 12.99
C LYS B 239 -1.96 -2.38 14.37
N PHE B 240 -1.48 -1.15 14.48
CA PHE B 240 -1.02 -0.61 15.76
C PHE B 240 -2.01 0.40 16.34
N GLY B 241 -3.25 0.43 15.83
CA GLY B 241 -4.25 1.41 16.26
C GLY B 241 -3.90 2.87 16.05
N CYS B 242 -3.22 3.22 14.95
CA CYS B 242 -2.87 4.59 14.65
C CYS B 242 -3.77 5.12 13.53
N ARG B 243 -3.74 6.43 13.31
CA ARG B 243 -4.57 7.06 12.29
C ARG B 243 -3.71 7.51 11.12
N ALA B 244 -4.10 7.12 9.90
CA ALA B 244 -3.31 7.42 8.71
C ALA B 244 -4.19 7.92 7.57
N LEU B 245 -3.59 8.72 6.73
CA LEU B 245 -4.22 9.25 5.51
C LEU B 245 -3.13 9.55 4.49
N SER B 246 -3.44 9.37 3.21
CA SER B 246 -2.56 9.86 2.15
C SER B 246 -3.28 10.97 1.39
N VAL B 247 -2.62 12.10 1.25
CA VAL B 247 -3.09 13.25 0.48
C VAL B 247 -2.13 13.36 -0.70
N LEU B 248 -2.63 13.20 -1.93
CA LEU B 248 -1.75 13.05 -3.09
C LEU B 248 -2.11 14.08 -4.16
N THR B 249 -1.10 14.67 -4.76
CA THR B 249 -1.28 15.57 -5.92
C THR B 249 -1.04 14.76 -7.19
N VAL B 250 -1.97 14.86 -8.16
CA VAL B 250 -1.74 14.21 -9.45
C VAL B 250 -0.64 14.98 -10.17
N SER B 251 0.45 14.26 -10.48
CA SER B 251 1.59 14.85 -11.17
C SER B 251 1.75 14.38 -12.61
N ASP B 252 1.01 13.36 -13.03
CA ASP B 252 1.12 12.79 -14.36
C ASP B 252 -0.21 12.13 -14.67
N HIS B 253 -0.46 11.90 -15.96
CA HIS B 253 -1.68 11.24 -16.42
C HIS B 253 -1.32 10.23 -17.50
N ILE B 254 -1.91 9.03 -17.42
CA ILE B 254 -1.61 7.98 -18.39
C ILE B 254 -2.06 8.39 -19.79
N LEU B 255 -3.05 9.27 -19.91
CA LEU B 255 -3.60 9.66 -21.20
C LEU B 255 -3.22 11.07 -21.63
N THR B 256 -2.46 11.82 -20.83
CA THR B 256 -2.01 13.18 -21.18
C THR B 256 -0.56 13.45 -20.72
N GLU B 258 -1.90 17.18 -19.03
CA GLU B 258 -1.61 18.59 -19.33
C GLU B 258 -0.27 19.03 -18.73
N GLU B 259 0.51 19.80 -19.49
CA GLU B 259 1.72 20.37 -18.92
C GLU B 259 1.37 21.46 -17.91
N THR B 260 2.32 21.76 -17.02
CA THR B 260 2.11 22.72 -15.95
C THR B 260 3.37 23.54 -15.77
N THR B 261 3.24 24.67 -15.07
CA THR B 261 4.37 25.52 -14.72
C THR B 261 4.98 25.13 -13.38
N ALA B 262 6.22 25.59 -13.14
CA ALA B 262 6.84 25.40 -11.83
C ALA B 262 6.03 26.09 -10.73
N GLU B 263 5.52 27.30 -11.00
CA GLU B 263 4.72 28.00 -10.00
C GLU B 263 3.41 27.26 -9.74
N GLU B 264 2.73 26.80 -10.79
CA GLU B 264 1.49 26.04 -10.61
C GLU B 264 1.73 24.82 -9.71
N ARG B 265 2.81 24.07 -9.97
CA ARG B 265 3.12 22.91 -9.15
C ARG B 265 3.44 23.33 -7.72
N GLN B 266 4.08 24.49 -7.55
CA GLN B 266 4.43 25.01 -6.23
C GLN B 266 3.19 25.35 -5.42
N MET B 267 2.19 26.00 -6.05
CA MET B 267 1.00 26.39 -5.31
C MET B 267 0.09 25.20 -4.99
N THR B 268 -0.01 24.23 -5.90
CA THR B 268 -0.74 23.01 -5.58
C THR B 268 -0.02 22.24 -4.47
N PHE B 269 1.31 22.21 -4.52
CA PHE B 269 2.06 21.55 -3.46
C PHE B 269 1.77 22.21 -2.13
N ASN B 270 1.86 23.53 -2.09
CA ASN B 270 1.62 24.24 -0.85
C ASN B 270 0.22 23.98 -0.34
N GLU B 271 -0.75 23.87 -1.26
CA GLU B 271 -2.12 23.61 -0.86
C GLU B 271 -2.26 22.20 -0.27
N MET B 272 -1.58 21.22 -0.88
CA MET B 272 -1.63 19.86 -0.33
C MET B 272 -1.06 19.83 1.09
N ILE B 273 0.07 20.50 1.32
CA ILE B 273 0.71 20.50 2.64
C ILE B 273 -0.21 21.14 3.68
N GLU B 274 -0.86 22.26 3.32
CA GLU B 274 -1.75 22.92 4.29
C GLU B 274 -2.94 22.03 4.65
N VAL B 275 -3.51 21.31 3.69
CA VAL B 275 -4.60 20.38 4.01
C VAL B 275 -4.12 19.32 4.99
N ALA B 276 -2.93 18.78 4.74
CA ALA B 276 -2.39 17.72 5.59
C ALA B 276 -2.05 18.23 6.99
N LEU B 277 -1.44 19.42 7.06
CA LEU B 277 -1.10 20.01 8.35
C LEU B 277 -2.36 20.30 9.17
N GLU B 278 -3.40 20.84 8.52
CA GLU B 278 -4.67 21.09 9.21
C GLU B 278 -5.30 19.79 9.68
N ALA B 279 -5.32 18.78 8.80
CA ALA B 279 -5.85 17.47 9.18
C ALA B 279 -5.08 16.88 10.38
N ALA B 280 -3.77 17.13 10.47
CA ALA B 280 -2.98 16.56 11.55
C ALA B 280 -3.34 17.19 12.90
N ILE B 281 -3.47 18.52 12.96
CA ILE B 281 -3.70 19.21 14.24
C ILE B 281 -5.16 19.31 14.66
N ARG B 282 -6.12 18.96 13.81
CA ARG B 282 -7.52 18.86 14.24
C ARG B 282 -7.89 17.43 14.62
N ASN C 42 -35.37 -19.98 -16.56
CA ASN C 42 -34.13 -20.48 -15.96
C ASN C 42 -32.94 -20.38 -16.92
N LEU C 43 -32.79 -19.23 -17.54
CA LEU C 43 -31.71 -19.04 -18.51
C LEU C 43 -30.38 -18.79 -17.77
N TYR C 44 -29.29 -19.06 -18.47
CA TYR C 44 -27.93 -18.92 -17.95
C TYR C 44 -27.05 -18.00 -18.77
N PHE C 45 -27.28 -17.92 -20.08
CA PHE C 45 -26.34 -17.28 -21.00
C PHE C 45 -26.92 -16.01 -21.63
N GLN C 46 -27.93 -15.42 -21.02
CA GLN C 46 -28.40 -14.10 -21.39
C GLN C 46 -27.70 -13.06 -20.52
N GLY C 47 -27.57 -11.84 -21.04
CA GLY C 47 -26.87 -10.80 -20.32
C GLY C 47 -27.68 -10.23 -19.17
N ALA C 48 -27.01 -9.41 -18.36
CA ALA C 48 -27.66 -8.82 -17.20
C ALA C 48 -28.71 -7.79 -17.59
N MET C 49 -28.61 -7.25 -18.80
CA MET C 49 -29.61 -6.31 -19.33
C MET C 49 -30.97 -6.97 -19.53
N MET C 50 -31.06 -8.31 -19.43
CA MET C 50 -32.29 -9.07 -19.61
C MET C 50 -33.01 -9.38 -18.30
N SER C 51 -32.38 -9.16 -17.14
CA SER C 51 -33.04 -9.29 -15.84
C SER C 51 -33.67 -10.69 -15.67
N VAL C 52 -32.80 -11.69 -15.72
CA VAL C 52 -33.19 -13.10 -15.57
C VAL C 52 -33.94 -13.33 -14.25
N HIS C 53 -33.50 -12.70 -13.15
CA HIS C 53 -33.99 -13.07 -11.83
C HIS C 53 -34.97 -12.09 -11.24
N ILE C 54 -35.28 -11.01 -11.93
CA ILE C 54 -36.17 -9.97 -11.42
C ILE C 54 -37.31 -9.82 -12.43
N GLY C 55 -38.53 -10.17 -12.00
CA GLY C 55 -39.67 -10.15 -12.90
C GLY C 55 -40.40 -8.82 -13.01
N ALA C 56 -39.69 -7.71 -12.92
CA ALA C 56 -40.26 -6.40 -13.17
C ALA C 56 -40.09 -6.01 -14.64
N LYS C 57 -40.83 -5.00 -15.06
CA LYS C 57 -40.59 -4.40 -16.37
C LYS C 57 -40.06 -2.99 -16.17
N ALA C 58 -39.70 -2.38 -17.30
CA ALA C 58 -38.91 -1.15 -17.25
C ALA C 58 -39.65 -0.09 -16.46
N GLY C 59 -38.88 0.72 -15.73
CA GLY C 59 -39.40 1.84 -14.99
C GLY C 59 -39.96 1.52 -13.64
N GLU C 60 -40.21 0.24 -13.34
CA GLU C 60 -40.78 -0.16 -12.06
C GLU C 60 -39.81 -0.08 -10.89
N ILE C 61 -38.50 0.11 -11.13
CA ILE C 61 -37.51 0.10 -10.05
C ILE C 61 -36.85 1.47 -10.00
N ALA C 62 -36.87 2.09 -8.82
CA ALA C 62 -36.32 3.43 -8.67
C ALA C 62 -34.80 3.40 -8.79
N GLU C 63 -34.22 4.58 -9.05
CA GLU C 63 -32.77 4.68 -9.20
C GLU C 63 -32.05 4.53 -7.87
N ARG C 64 -32.76 4.68 -6.76
CA ARG C 64 -32.24 4.48 -5.41
C ARG C 64 -32.90 3.25 -4.83
N ILE C 65 -32.10 2.37 -4.23
CA ILE C 65 -32.62 1.10 -3.75
C ILE C 65 -31.96 0.74 -2.44
N LEU C 66 -32.74 0.18 -1.52
CA LEU C 66 -32.22 -0.42 -0.30
C LEU C 66 -32.20 -1.92 -0.51
N LEU C 67 -31.13 -2.57 -0.02
CA LEU C 67 -30.87 -3.99 -0.24
C LEU C 67 -30.74 -4.72 1.10
N PRO C 68 -31.84 -5.10 1.73
CA PRO C 68 -31.78 -6.09 2.79
C PRO C 68 -31.54 -7.47 2.18
N GLY C 69 -31.12 -8.39 3.02
CA GLY C 69 -30.82 -9.73 2.56
C GLY C 69 -32.01 -10.64 2.70
N ASP C 70 -32.90 -10.27 3.61
CA ASP C 70 -34.12 -11.02 3.86
C ASP C 70 -35.25 -10.41 3.04
N PRO C 71 -35.90 -11.18 2.15
CA PRO C 71 -37.03 -10.59 1.40
C PRO C 71 -38.21 -10.22 2.30
N LEU C 72 -38.48 -11.04 3.32
CA LEU C 72 -39.48 -10.67 4.32
C LEU C 72 -39.11 -9.35 4.98
N ARG C 73 -37.82 -9.03 5.05
CA ARG C 73 -37.45 -7.77 5.64
C ARG C 73 -37.58 -6.64 4.64
N ALA C 74 -37.44 -6.94 3.34
CA ALA C 74 -37.78 -5.95 2.33
C ALA C 74 -39.27 -5.58 2.41
N LYS C 75 -40.13 -6.58 2.60
CA LYS C 75 -41.57 -6.30 2.73
C LYS C 75 -41.84 -5.41 3.94
N TYR C 76 -41.22 -5.74 5.08
CA TYR C 76 -41.37 -4.90 6.27
C TYR C 76 -40.97 -3.46 5.98
N ILE C 77 -39.81 -3.27 5.34
CA ILE C 77 -39.34 -1.91 5.10
C ILE C 77 -40.32 -1.17 4.21
N ALA C 78 -40.88 -1.87 3.22
CA ALA C 78 -41.73 -1.22 2.22
C ALA C 78 -43.03 -0.73 2.83
N GLU C 79 -43.63 -1.55 3.70
CA GLU C 79 -44.88 -1.17 4.35
C GLU C 79 -44.66 -0.13 5.46
N THR C 80 -43.61 -0.31 6.27
CA THR C 80 -43.40 0.51 7.44
C THR C 80 -42.88 1.90 7.12
N PHE C 81 -42.03 2.03 6.09
CA PHE C 81 -41.36 3.31 5.87
C PHE C 81 -41.74 3.97 4.56
N LEU C 82 -42.29 3.22 3.62
CA LEU C 82 -42.57 3.76 2.31
C LEU C 82 -44.08 4.04 2.18
N GLU C 83 -44.39 5.11 1.44
CA GLU C 83 -45.76 5.46 1.07
C GLU C 83 -46.04 4.91 -0.31
N GLY C 84 -47.03 4.02 -0.41
CA GLY C 84 -47.50 3.55 -1.71
C GLY C 84 -46.79 2.33 -2.24
N ALA C 85 -46.40 1.44 -1.33
CA ALA C 85 -45.51 0.35 -1.70
C ALA C 85 -46.19 -0.64 -2.63
N VAL C 86 -45.59 -0.84 -3.81
CA VAL C 86 -46.04 -1.84 -4.77
C VAL C 86 -44.94 -2.90 -4.92
N CYS C 87 -45.34 -4.16 -4.98
CA CYS C 87 -44.44 -5.27 -5.19
C CYS C 87 -44.20 -5.49 -6.68
N TYR C 88 -42.97 -5.22 -7.15
CA TYR C 88 -42.61 -5.46 -8.54
C TYR C 88 -41.96 -6.82 -8.80
N ASN C 89 -41.66 -7.62 -7.78
CA ASN C 89 -40.99 -8.87 -8.08
C ASN C 89 -41.33 -9.91 -7.04
N GLU C 90 -41.62 -11.13 -7.51
CA GLU C 90 -41.77 -12.28 -6.65
C GLU C 90 -41.04 -13.50 -7.19
N VAL C 91 -40.18 -13.34 -8.20
CA VAL C 91 -39.37 -14.46 -8.66
C VAL C 91 -38.56 -15.02 -7.48
N ARG C 92 -38.60 -16.33 -7.31
CA ARG C 92 -37.88 -17.06 -6.26
C ARG C 92 -38.24 -16.60 -4.84
N GLY C 93 -39.37 -15.90 -4.67
CA GLY C 93 -39.67 -15.29 -3.38
C GLY C 93 -38.84 -14.08 -3.01
N MET C 94 -37.96 -13.63 -3.91
CA MET C 94 -37.03 -12.54 -3.60
C MET C 94 -37.75 -11.20 -3.80
N LEU C 95 -38.62 -10.89 -2.84
CA LEU C 95 -39.53 -9.76 -2.98
C LEU C 95 -38.77 -8.46 -3.19
N GLY C 96 -39.31 -7.62 -4.07
CA GLY C 96 -38.88 -6.25 -4.26
C GLY C 96 -40.05 -5.30 -4.38
N PHE C 97 -39.90 -4.09 -3.84
CA PHE C 97 -40.97 -3.13 -3.70
C PHE C 97 -40.48 -1.77 -4.14
N THR C 98 -41.40 -0.96 -4.65
CA THR C 98 -41.11 0.43 -4.99
C THR C 98 -42.16 1.30 -4.30
N GLY C 99 -41.70 2.40 -3.70
CA GLY C 99 -42.61 3.29 -3.02
C GLY C 99 -42.03 4.69 -2.99
N THR C 100 -42.55 5.52 -2.10
CA THR C 100 -42.07 6.89 -1.93
C THR C 100 -41.64 7.10 -0.50
N TYR C 101 -40.62 7.94 -0.33
CA TYR C 101 -40.20 8.41 0.99
C TYR C 101 -39.84 9.87 0.84
N LYS C 102 -40.51 10.74 1.61
CA LYS C 102 -40.37 12.19 1.49
C LYS C 102 -40.45 12.65 0.04
N GLY C 103 -41.37 12.05 -0.71
CA GLY C 103 -41.60 12.47 -2.08
C GLY C 103 -40.60 11.98 -3.09
N GLU C 104 -39.66 11.12 -2.69
CA GLU C 104 -38.69 10.54 -3.61
C GLU C 104 -39.01 9.07 -3.82
N ARG C 105 -38.91 8.61 -5.06
CA ARG C 105 -39.08 7.20 -5.35
C ARG C 105 -37.91 6.40 -4.81
N ILE C 106 -38.21 5.29 -4.15
CA ILE C 106 -37.24 4.42 -3.50
C ILE C 106 -37.70 2.98 -3.69
N SER C 107 -36.77 2.10 -4.02
CA SER C 107 -37.10 0.70 -4.05
C SER C 107 -36.40 -0.02 -2.90
N VAL C 108 -36.89 -1.22 -2.60
CA VAL C 108 -36.34 -2.10 -1.57
C VAL C 108 -36.40 -3.50 -2.17
N GLN C 109 -35.25 -4.16 -2.25
CA GLN C 109 -35.12 -5.42 -2.95
C GLN C 109 -34.32 -6.38 -2.08
N GLY C 110 -34.88 -7.57 -1.84
CA GLY C 110 -34.12 -8.62 -1.18
C GLY C 110 -32.97 -9.13 -2.04
N THR C 111 -31.81 -9.31 -1.43
CA THR C 111 -30.72 -10.08 -1.99
C THR C 111 -30.74 -11.39 -1.24
N GLY C 112 -30.11 -12.41 -1.73
CA GLY C 112 -30.02 -13.61 -0.91
C GLY C 112 -28.90 -13.45 0.11
N MET C 113 -28.35 -14.57 0.53
CA MET C 113 -27.16 -14.57 1.36
C MET C 113 -25.93 -14.91 0.53
N GLY C 114 -24.89 -14.06 0.63
CA GLY C 114 -23.57 -14.37 0.10
C GLY C 114 -23.26 -13.63 -1.20
N VAL C 115 -21.94 -13.62 -1.52
CA VAL C 115 -21.46 -12.86 -2.67
C VAL C 115 -22.11 -13.31 -3.96
N PRO C 116 -22.28 -14.59 -4.25
CA PRO C 116 -22.88 -14.94 -5.54
C PRO C 116 -24.32 -14.49 -5.67
N SER C 117 -25.08 -14.54 -4.56
CA SER C 117 -26.48 -14.12 -4.62
C SER C 117 -26.62 -12.63 -4.83
N ILE C 118 -25.98 -11.81 -4.00
CA ILE C 118 -26.12 -10.38 -4.18
C ILE C 118 -25.52 -9.95 -5.50
N SER C 119 -24.53 -10.69 -6.01
CA SER C 119 -23.95 -10.31 -7.31
C SER C 119 -24.99 -10.47 -8.43
N ILE C 120 -25.77 -11.55 -8.41
CA ILE C 120 -26.86 -11.68 -9.39
C ILE C 120 -27.77 -10.45 -9.33
N TYR C 121 -28.36 -10.17 -8.16
CA TYR C 121 -29.33 -9.07 -8.08
C TYR C 121 -28.71 -7.73 -8.41
N VAL C 122 -27.47 -7.48 -7.95
CA VAL C 122 -26.88 -6.16 -8.19
C VAL C 122 -26.56 -5.98 -9.69
N ASN C 123 -26.08 -7.04 -10.35
CA ASN C 123 -25.81 -6.90 -11.79
C ASN C 123 -27.09 -6.53 -12.55
N GLU C 124 -28.17 -7.27 -12.26
CA GLU C 124 -29.44 -7.01 -12.97
C GLU C 124 -30.02 -5.64 -12.61
N LEU C 125 -30.01 -5.26 -11.32
CA LEU C 125 -30.47 -3.93 -10.93
C LEU C 125 -29.70 -2.83 -11.65
N ILE C 126 -28.38 -2.95 -11.74
CA ILE C 126 -27.63 -1.85 -12.37
C ILE C 126 -27.77 -1.91 -13.90
N GLN C 127 -27.65 -3.07 -14.49
CA GLN C 127 -27.52 -3.14 -15.94
C GLN C 127 -28.87 -3.20 -16.65
N SER C 128 -29.90 -3.74 -16.00
CA SER C 128 -31.25 -3.76 -16.57
C SER C 128 -32.04 -2.51 -16.23
N TYR C 129 -32.14 -2.20 -14.94
CA TYR C 129 -33.08 -1.19 -14.48
C TYR C 129 -32.45 0.17 -14.21
N GLY C 130 -31.16 0.35 -14.47
CA GLY C 130 -30.57 1.68 -14.31
C GLY C 130 -30.45 2.15 -12.87
N VAL C 131 -30.38 1.23 -11.91
CA VAL C 131 -30.17 1.65 -10.53
C VAL C 131 -28.82 2.33 -10.41
N LYS C 132 -28.78 3.48 -9.70
CA LYS C 132 -27.58 4.28 -9.55
C LYS C 132 -27.07 4.37 -8.11
N THR C 133 -27.93 4.19 -7.11
CA THR C 133 -27.56 4.38 -5.72
C THR C 133 -28.07 3.17 -4.97
N LEU C 134 -27.17 2.46 -4.27
CA LEU C 134 -27.51 1.16 -3.71
C LEU C 134 -26.97 1.12 -2.29
N ILE C 135 -27.86 0.96 -1.32
CA ILE C 135 -27.50 0.97 0.10
C ILE C 135 -27.94 -0.34 0.71
N ARG C 136 -26.97 -1.17 1.10
CA ARG C 136 -27.28 -2.41 1.80
C ARG C 136 -27.58 -2.10 3.26
N VAL C 137 -28.59 -2.78 3.80
CA VAL C 137 -28.92 -2.71 5.21
C VAL C 137 -28.99 -4.14 5.69
N GLY C 138 -28.31 -4.43 6.79
CA GLY C 138 -28.33 -5.78 7.29
C GLY C 138 -27.65 -5.79 8.64
N THR C 139 -27.32 -7.00 9.07
CA THR C 139 -26.67 -7.28 10.35
C THR C 139 -25.21 -7.68 10.14
N CYS C 140 -24.46 -7.74 11.23
CA CYS C 140 -23.09 -8.24 11.19
C CYS C 140 -22.70 -8.75 12.58
N GLY C 141 -21.64 -9.54 12.61
CA GLY C 141 -21.11 -10.09 13.86
C GLY C 141 -19.81 -9.38 14.21
N ALA C 142 -19.78 -8.75 15.38
CA ALA C 142 -18.64 -7.92 15.74
C ALA C 142 -17.47 -8.77 16.25
N ILE C 143 -16.25 -8.30 16.00
CA ILE C 143 -15.05 -9.01 16.46
C ILE C 143 -14.10 -8.06 17.18
N GLN C 144 -14.56 -6.84 17.50
CA GLN C 144 -13.77 -5.88 18.24
C GLN C 144 -14.33 -5.72 19.65
N PRO C 145 -13.47 -5.61 20.68
CA PRO C 145 -13.99 -5.44 22.05
C PRO C 145 -14.79 -4.15 22.24
N ASP C 146 -14.43 -3.06 21.57
CA ASP C 146 -15.10 -1.77 21.78
C ASP C 146 -16.32 -1.59 20.88
N VAL C 147 -16.71 -2.60 20.13
CA VAL C 147 -17.93 -2.57 19.33
C VAL C 147 -18.95 -3.43 20.06
N ARG C 148 -20.15 -2.88 20.28
CA ARG C 148 -21.19 -3.56 21.06
C ARG C 148 -22.37 -3.94 20.19
N VAL C 149 -23.10 -4.96 20.64
CA VAL C 149 -24.34 -5.30 19.96
C VAL C 149 -25.25 -4.07 19.92
N ARG C 150 -25.99 -3.91 18.80
CA ARG C 150 -26.86 -2.79 18.47
C ARG C 150 -26.09 -1.55 18.02
N ASP C 151 -24.77 -1.52 18.09
CA ASP C 151 -24.02 -0.47 17.41
C ASP C 151 -24.29 -0.54 15.91
N VAL C 152 -24.22 0.62 15.26
CA VAL C 152 -24.41 0.69 13.81
C VAL C 152 -23.07 1.01 13.15
N ILE C 153 -22.71 0.18 12.16
CA ILE C 153 -21.45 0.23 11.43
C ILE C 153 -21.73 0.79 10.03
N LEU C 154 -20.96 1.78 9.61
CA LEU C 154 -20.87 2.16 8.20
C LEU C 154 -19.62 1.52 7.63
N ALA C 155 -19.78 0.62 6.66
CA ALA C 155 -18.63 -0.10 6.10
C ALA C 155 -17.92 0.81 5.11
N MET C 156 -16.78 1.34 5.52
CA MET C 156 -15.94 2.13 4.63
C MET C 156 -15.41 1.31 3.46
N SER C 157 -15.16 0.02 3.69
CA SER C 157 -14.51 -0.89 2.74
C SER C 157 -14.82 -2.28 3.24
N ALA C 158 -14.48 -3.28 2.43
CA ALA C 158 -14.77 -4.66 2.77
C ALA C 158 -13.58 -5.55 2.39
N SER C 159 -13.01 -6.23 3.37
CA SER C 159 -12.10 -7.35 3.15
C SER C 159 -12.94 -8.57 2.76
N THR C 160 -12.31 -9.64 2.25
CA THR C 160 -13.10 -10.81 1.89
C THR C 160 -12.22 -12.04 1.74
N ASP C 161 -12.85 -13.21 1.81
CA ASP C 161 -12.19 -14.43 1.39
C ASP C 161 -12.83 -15.01 0.13
N SER C 162 -13.72 -14.26 -0.48
CA SER C 162 -14.23 -14.65 -1.80
C SER C 162 -13.08 -14.65 -2.82
N ASN C 163 -13.18 -15.51 -3.83
CA ASN C 163 -12.22 -15.57 -4.93
C ASN C 163 -12.56 -14.59 -6.04
N MET C 164 -13.68 -13.85 -5.93
CA MET C 164 -14.20 -13.06 -7.07
C MET C 164 -13.16 -12.08 -7.59
N ASN C 165 -12.51 -11.35 -6.67
CA ASN C 165 -11.60 -10.32 -7.12
C ASN C 165 -10.21 -10.86 -7.45
N ARG C 166 -9.75 -11.94 -6.79
CA ARG C 166 -8.48 -12.51 -7.22
C ARG C 166 -8.55 -12.96 -8.66
N LEU C 167 -9.71 -13.43 -9.08
CA LEU C 167 -9.86 -13.89 -10.45
C LEU C 167 -10.01 -12.73 -11.43
N ILE C 168 -10.50 -11.56 -11.02
CA ILE C 168 -10.56 -10.40 -11.92
C ILE C 168 -9.17 -9.75 -12.08
N PHE C 169 -8.44 -9.58 -10.96
CA PHE C 169 -7.22 -8.79 -10.94
C PHE C 169 -5.99 -9.69 -10.96
N ARG C 170 -6.17 -10.90 -11.48
CA ARG C 170 -5.16 -11.95 -11.63
C ARG C 170 -4.23 -12.03 -10.43
N GLY C 171 -4.86 -12.24 -9.26
CA GLY C 171 -4.17 -12.52 -8.02
C GLY C 171 -3.75 -11.33 -7.21
N ARG C 172 -3.94 -10.11 -7.71
CA ARG C 172 -3.54 -8.91 -6.99
C ARG C 172 -4.67 -8.49 -6.02
N ASP C 173 -4.41 -7.46 -5.25
CA ASP C 173 -5.26 -7.10 -4.09
C ASP C 173 -6.11 -5.88 -4.47
N TYR C 174 -7.40 -6.10 -4.75
CA TYR C 174 -8.32 -4.97 -4.94
C TYR C 174 -9.00 -4.63 -3.61
N ALA C 175 -9.10 -3.33 -3.29
CA ALA C 175 -9.79 -2.90 -2.05
C ALA C 175 -11.23 -2.41 -2.35
N PRO C 176 -12.26 -3.24 -2.15
CA PRO C 176 -13.63 -2.76 -2.37
C PRO C 176 -14.00 -1.67 -1.36
N THR C 177 -14.45 -0.53 -1.89
CA THR C 177 -14.55 0.69 -1.11
C THR C 177 -15.92 1.36 -1.32
N ALA C 178 -16.44 2.00 -0.26
CA ALA C 178 -17.75 2.65 -0.33
C ALA C 178 -17.65 3.95 -1.12
N ASP C 179 -18.79 4.41 -1.65
CA ASP C 179 -18.84 5.77 -2.16
C ASP C 179 -18.70 6.74 -1.00
N PHE C 180 -17.78 7.70 -1.14
CA PHE C 180 -17.44 8.57 -0.01
C PHE C 180 -18.59 9.52 0.32
N HIS C 181 -19.25 10.06 -0.70
CA HIS C 181 -20.30 11.03 -0.38
C HIS C 181 -21.48 10.35 0.27
N LEU C 182 -21.84 9.15 -0.18
CA LEU C 182 -22.82 8.34 0.53
C LEU C 182 -22.38 8.09 1.96
N LEU C 183 -21.13 7.68 2.15
CA LEU C 183 -20.63 7.37 3.49
C LEU C 183 -20.69 8.61 4.37
N ARG C 184 -20.20 9.73 3.86
CA ARG C 184 -20.20 10.96 4.65
C ARG C 184 -21.61 11.41 4.98
N THR C 185 -22.51 11.40 3.97
CA THR C 185 -23.92 11.71 4.22
C THR C 185 -24.52 10.84 5.33
N ALA C 186 -24.33 9.53 5.27
CA ALA C 186 -24.95 8.68 6.28
C ALA C 186 -24.37 8.98 7.65
N TYR C 187 -23.09 9.35 7.71
CA TYR C 187 -22.45 9.68 8.97
C TYR C 187 -23.04 10.94 9.59
N GLU C 188 -23.23 11.98 8.79
CA GLU C 188 -23.87 13.21 9.28
C GLU C 188 -25.30 12.96 9.73
N VAL C 189 -26.04 12.12 8.99
CA VAL C 189 -27.39 11.78 9.41
C VAL C 189 -27.38 11.09 10.76
N GLY C 190 -26.50 10.10 10.93
CA GLY C 190 -26.39 9.45 12.22
C GLY C 190 -26.05 10.43 13.34
N VAL C 191 -25.26 11.45 13.02
CA VAL C 191 -24.93 12.48 14.00
C VAL C 191 -26.14 13.37 14.28
N GLU C 192 -26.79 13.87 13.21
CA GLU C 192 -28.02 14.65 13.38
C GLU C 192 -29.00 13.93 14.29
N LYS C 193 -28.99 12.60 14.27
CA LYS C 193 -29.88 11.77 15.04
C LYS C 193 -29.19 11.18 16.26
N GLY C 194 -27.96 11.59 16.54
CA GLY C 194 -27.21 11.15 17.71
C GLY C 194 -27.07 9.65 17.92
N LEU C 195 -26.51 8.93 16.94
CA LEU C 195 -26.21 7.49 17.08
C LEU C 195 -24.73 7.11 17.31
N LEU C 197 -22.16 5.42 15.96
CA LEU C 197 -21.86 5.05 14.57
C LEU C 197 -20.37 4.85 14.30
N LYS C 198 -19.94 3.60 14.15
CA LYS C 198 -18.55 3.28 13.86
C LYS C 198 -18.33 3.15 12.35
N VAL C 199 -17.20 3.66 11.87
CA VAL C 199 -16.86 3.68 10.45
C VAL C 199 -15.56 2.89 10.27
N GLY C 200 -15.59 1.85 9.44
CA GLY C 200 -14.39 1.08 9.21
C GLY C 200 -14.57 -0.06 8.23
N ASN C 201 -13.61 -0.98 8.27
CA ASN C 201 -13.56 -2.14 7.40
C ASN C 201 -14.41 -3.28 7.98
N VAL C 202 -15.17 -3.95 7.11
CA VAL C 202 -15.84 -5.21 7.46
C VAL C 202 -15.26 -6.32 6.61
N PHE C 203 -15.52 -7.53 7.05
CA PHE C 203 -15.07 -8.72 6.34
C PHE C 203 -16.26 -9.45 5.73
N THR C 204 -16.24 -9.61 4.40
CA THR C 204 -17.26 -10.36 3.68
C THR C 204 -16.85 -11.83 3.58
N ALA C 205 -17.54 -12.70 4.32
CA ALA C 205 -17.23 -14.12 4.38
C ALA C 205 -18.04 -14.90 3.34
N ASP C 206 -17.40 -15.92 2.76
CA ASP C 206 -18.13 -16.92 1.97
C ASP C 206 -18.74 -17.97 2.88
N MET C 207 -18.11 -18.25 4.04
CA MET C 207 -18.40 -19.44 4.83
C MET C 207 -18.92 -18.98 6.18
N PHE C 208 -20.24 -18.91 6.32
CA PHE C 208 -20.85 -18.62 7.62
C PHE C 208 -20.33 -19.56 8.69
N TYR C 209 -20.21 -20.83 8.35
CA TYR C 209 -19.64 -21.84 9.23
C TYR C 209 -18.24 -22.10 8.69
N ASN C 210 -17.22 -21.54 9.35
CA ASN C 210 -15.83 -21.65 8.90
C ASN C 210 -15.01 -22.23 10.05
N ASP C 211 -14.33 -23.36 9.83
CA ASP C 211 -13.48 -23.93 10.88
C ASP C 211 -12.24 -23.10 11.18
N GLU C 212 -11.79 -22.25 10.26
CA GLU C 212 -10.54 -21.49 10.38
C GLU C 212 -10.75 -20.04 9.94
N PRO C 213 -11.53 -19.26 10.69
CA PRO C 213 -11.76 -17.86 10.32
C PRO C 213 -10.61 -16.94 10.69
N ASN C 214 -9.77 -17.35 11.64
CA ASN C 214 -8.63 -16.54 12.11
C ASN C 214 -9.06 -15.14 12.53
N TRP C 215 -10.13 -15.05 13.33
CA TRP C 215 -10.67 -13.73 13.65
C TRP C 215 -9.65 -12.86 14.40
N GLU C 216 -8.75 -13.46 15.21
CA GLU C 216 -7.81 -12.61 15.93
C GLU C 216 -6.91 -11.83 14.97
N THR C 217 -6.58 -12.43 13.82
CA THR C 217 -5.75 -11.74 12.82
C THR C 217 -6.50 -10.58 12.17
N TRP C 218 -7.72 -10.82 11.69
CA TRP C 218 -8.49 -9.72 11.11
C TRP C 218 -8.72 -8.60 12.14
N ALA C 219 -9.05 -8.97 13.38
CA ALA C 219 -9.26 -7.94 14.40
C ALA C 219 -7.99 -7.12 14.63
N ARG C 220 -6.84 -7.79 14.71
CA ARG C 220 -5.57 -7.06 14.90
C ARG C 220 -5.42 -5.96 13.85
N TYR C 221 -5.89 -6.22 12.62
CA TYR C 221 -5.70 -5.26 11.56
C TYR C 221 -6.94 -4.38 11.35
N GLY C 222 -7.82 -4.33 12.34
CA GLY C 222 -8.86 -3.32 12.36
C GLY C 222 -10.21 -3.75 11.84
N VAL C 223 -10.37 -4.97 11.37
CA VAL C 223 -11.69 -5.39 10.86
C VAL C 223 -12.72 -5.29 11.99
N LEU C 224 -13.87 -4.69 11.72
CA LEU C 224 -14.85 -4.43 12.79
C LEU C 224 -15.80 -5.58 13.03
N ALA C 225 -16.20 -6.29 11.97
CA ALA C 225 -17.33 -7.20 12.02
C ALA C 225 -17.37 -8.03 10.75
N VAL C 226 -18.08 -9.14 10.81
CA VAL C 226 -18.24 -10.06 9.66
C VAL C 226 -19.65 -9.96 9.11
N GLU C 227 -19.77 -9.94 7.78
CA GLU C 227 -21.06 -10.14 7.11
C GLU C 227 -20.77 -10.92 5.83
N MET C 228 -21.71 -10.95 4.85
CA MET C 228 -21.42 -11.84 3.73
C MET C 228 -21.71 -11.26 2.34
N GLU C 229 -21.81 -9.96 2.19
CA GLU C 229 -22.22 -9.39 0.92
C GLU C 229 -21.46 -8.13 0.50
N THR C 230 -20.90 -7.35 1.42
CA THR C 230 -20.53 -5.98 1.09
C THR C 230 -19.42 -5.92 0.04
N ALA C 231 -18.44 -6.84 0.10
CA ALA C 231 -17.35 -6.77 -0.88
C ALA C 231 -17.89 -6.86 -2.31
N ALA C 232 -18.87 -7.74 -2.55
CA ALA C 232 -19.39 -7.85 -3.92
C ALA C 232 -20.15 -6.60 -4.34
N LEU C 233 -20.90 -5.98 -3.42
CA LEU C 233 -21.64 -4.76 -3.73
C LEU C 233 -20.70 -3.61 -4.06
N TYR C 234 -19.64 -3.43 -3.27
CA TYR C 234 -18.74 -2.30 -3.50
C TYR C 234 -17.99 -2.49 -4.81
N THR C 235 -17.62 -3.73 -5.14
CA THR C 235 -16.84 -3.97 -6.36
C THR C 235 -17.71 -3.70 -7.60
N LEU C 236 -18.93 -4.25 -7.60
CA LEU C 236 -19.82 -4.12 -8.77
C LEU C 236 -20.32 -2.70 -8.92
N ALA C 237 -20.59 -2.01 -7.82
CA ALA C 237 -20.94 -0.60 -7.89
C ALA C 237 -19.83 0.22 -8.55
N ALA C 238 -18.57 0.02 -8.12
CA ALA C 238 -17.48 0.75 -8.74
C ALA C 238 -17.34 0.41 -10.22
N LYS C 239 -17.54 -0.87 -10.57
CA LYS C 239 -17.38 -1.31 -11.95
C LYS C 239 -18.26 -0.51 -12.88
N PHE C 240 -19.51 -0.24 -12.46
CA PHE C 240 -20.51 0.38 -13.33
C PHE C 240 -20.76 1.83 -12.95
N GLY C 241 -19.87 2.43 -12.18
CA GLY C 241 -19.96 3.84 -11.84
C GLY C 241 -21.12 4.23 -10.96
N CYS C 242 -21.63 3.33 -10.13
CA CYS C 242 -22.73 3.55 -9.19
C CYS C 242 -22.20 3.81 -7.77
N ARG C 243 -23.07 4.37 -6.93
CA ARG C 243 -22.73 4.72 -5.54
C ARG C 243 -23.30 3.68 -4.60
N ALA C 244 -22.45 3.10 -3.75
CA ALA C 244 -22.91 2.06 -2.85
C ALA C 244 -22.39 2.32 -1.44
N LEU C 245 -23.10 1.72 -0.48
CA LEU C 245 -22.80 1.87 0.95
C LEU C 245 -23.50 0.75 1.70
N SER C 246 -22.84 0.19 2.73
CA SER C 246 -23.49 -0.75 3.61
C SER C 246 -23.66 -0.08 4.96
N VAL C 247 -24.88 -0.13 5.48
CA VAL C 247 -25.21 0.32 6.83
C VAL C 247 -25.60 -0.91 7.61
N LEU C 248 -24.83 -1.24 8.68
CA LEU C 248 -24.98 -2.52 9.33
C LEU C 248 -25.23 -2.36 10.82
N THR C 249 -26.05 -3.24 11.36
CA THR C 249 -26.33 -3.28 12.80
C THR C 249 -25.65 -4.51 13.39
N VAL C 250 -24.89 -4.31 14.45
CA VAL C 250 -24.26 -5.44 15.11
C VAL C 250 -25.34 -6.25 15.81
N SER C 251 -25.50 -7.51 15.41
CA SER C 251 -26.51 -8.35 16.00
C SER C 251 -25.93 -9.48 16.84
N ASP C 252 -24.61 -9.61 16.87
CA ASP C 252 -23.92 -10.67 17.58
C ASP C 252 -22.48 -10.25 17.80
N HIS C 253 -21.82 -10.91 18.75
CA HIS C 253 -20.44 -10.60 19.11
C HIS C 253 -19.69 -11.90 19.38
N ILE C 254 -18.47 -12.04 18.81
CA ILE C 254 -17.61 -13.20 19.12
C ILE C 254 -17.36 -13.38 20.62
N LEU C 255 -17.28 -12.27 21.37
CA LEU C 255 -16.88 -12.34 22.78
C LEU C 255 -18.10 -12.42 23.69
N THR C 256 -18.98 -11.40 23.65
CA THR C 256 -20.17 -11.42 24.50
C THR C 256 -21.15 -12.52 24.06
N GLY C 257 -21.03 -12.99 22.82
CA GLY C 257 -21.91 -14.02 22.30
C GLY C 257 -23.37 -13.65 22.26
N GLU C 258 -23.70 -12.37 22.39
CA GLU C 258 -25.10 -11.93 22.58
C GLU C 258 -26.05 -12.42 21.48
N THR C 260 -30.28 -9.25 24.26
CA THR C 260 -31.18 -8.27 23.63
C THR C 260 -32.66 -8.70 23.67
N THR C 261 -33.57 -7.73 23.64
CA THR C 261 -34.99 -7.97 23.54
C THR C 261 -35.46 -7.72 22.10
N ALA C 262 -36.67 -8.22 21.79
CA ALA C 262 -37.22 -7.98 20.46
C ALA C 262 -37.42 -6.48 20.22
N GLU C 263 -37.93 -5.77 21.24
CA GLU C 263 -38.12 -4.32 21.12
C GLU C 263 -36.79 -3.60 20.90
N GLU C 264 -35.69 -4.11 21.46
CA GLU C 264 -34.38 -3.51 21.25
C GLU C 264 -33.91 -3.69 19.82
N ARG C 265 -34.05 -4.91 19.28
CA ARG C 265 -33.62 -5.19 17.91
C ARG C 265 -34.39 -4.34 16.90
N GLN C 266 -35.72 -4.23 17.07
CA GLN C 266 -36.49 -3.51 16.06
C GLN C 266 -36.29 -2.00 16.16
N MET C 267 -36.04 -1.47 17.36
CA MET C 267 -35.82 -0.02 17.46
C MET C 267 -34.50 0.38 16.80
N THR C 268 -33.43 -0.39 17.05
CA THR C 268 -32.17 -0.11 16.38
C THR C 268 -32.31 -0.30 14.87
N PHE C 269 -33.04 -1.34 14.47
CA PHE C 269 -33.29 -1.60 13.05
C PHE C 269 -33.89 -0.38 12.37
N ASN C 270 -34.97 0.15 12.95
CA ASN C 270 -35.61 1.32 12.35
C ASN C 270 -34.64 2.50 12.25
N GLU C 271 -33.75 2.65 13.24
CA GLU C 271 -32.78 3.74 13.15
C GLU C 271 -31.85 3.54 11.95
N MET C 272 -31.40 2.30 11.75
CA MET C 272 -30.56 1.97 10.60
C MET C 272 -31.28 2.31 9.29
N ILE C 273 -32.52 1.85 9.14
CA ILE C 273 -33.31 2.18 7.94
C ILE C 273 -33.41 3.69 7.75
N GLU C 274 -33.59 4.44 8.84
CA GLU C 274 -33.76 5.88 8.72
C GLU C 274 -32.49 6.54 8.18
N VAL C 275 -31.34 6.06 8.63
CA VAL C 275 -30.06 6.53 8.10
C VAL C 275 -29.97 6.20 6.61
N ALA C 276 -30.28 4.95 6.25
CA ALA C 276 -30.16 4.52 4.86
C ALA C 276 -31.07 5.33 3.95
N LEU C 277 -32.36 5.43 4.30
CA LEU C 277 -33.29 6.20 3.49
C LEU C 277 -32.81 7.63 3.30
N GLU C 278 -32.32 8.25 4.38
CA GLU C 278 -31.82 9.61 4.32
C GLU C 278 -30.62 9.71 3.39
N ALA C 279 -29.67 8.78 3.51
CA ALA C 279 -28.47 8.88 2.70
C ALA C 279 -28.82 8.74 1.23
N ALA C 280 -29.78 7.87 0.92
CA ALA C 280 -30.22 7.65 -0.46
C ALA C 280 -30.76 8.93 -1.09
N ILE C 281 -31.52 9.74 -0.34
CA ILE C 281 -32.22 10.84 -1.01
C ILE C 281 -31.40 12.13 -1.01
N ARG C 282 -30.51 12.31 -0.02
CA ARG C 282 -29.64 13.48 -0.03
C ARG C 282 -28.53 13.28 -1.06
#